data_9KPF
#
_entry.id   9KPF
#
_cell.length_a   1.00
_cell.length_b   1.00
_cell.length_c   1.00
_cell.angle_alpha   90.00
_cell.angle_beta   90.00
_cell.angle_gamma   90.00
#
_symmetry.space_group_name_H-M   'P 1'
#
loop_
_entity.id
_entity.type
_entity.pdbx_description
1 polymer 'Guanine nucleotide-binding protein G(i) subunit alpha-1'
2 polymer 'Guanine nucleotide-binding protein G(I)/G(S)/G(T) subunit beta-1'
3 polymer 'Guanine nucleotide-binding protein G(I)/G(S)/G(O) subunit gamma-2'
4 polymer 'Fusion protein 1,exo-alpha-sialidase,Taste receptor type 2 member 16,Fusion protein 2'
5 polymer scFv16
6 non-polymer '2-(hydroxymethyl)phenyl beta-D-glucopyranoside'
#
loop_
_entity_poly.entity_id
_entity_poly.type
_entity_poly.pdbx_seq_one_letter_code
_entity_poly.pdbx_strand_id
1 'polypeptide(L)'
;DYKDDDDKENLYFQSMGCTLSAEDKAAVERSKMIDRNLREDGEKAAREVKLLLLGAGESGKSTIVKQMKIIHEAGYSEEE
CKQYKAVVYSNTIQSIIAIIRAMGRLKIDFGDSARADDARQLFVLAGAAEEGFMTAELAGVIKRLWKDSGVQACFNRSRE
YQLNDSAAYYLNDLDRIAQPNYIPTQQDVLRTRVKTTGIVETHFTFKDLHFKMFDVGGQRSERKKWIHCFEGVTAIIFCV
ALSDYDLVLAEDEEMNRMHESMKLFDSICNNKWFTDTSIILFLNKKDLFEEKIKKSPLTICYPEYAGSNTYEEAAAYIQC
QFEDLNKRKDTKEIYTHFTCATDTKNVQFVFDAVTDVIIKNNLKDCGLF
;
A
2 'polypeptide(L)'
;MSELDQLRQEAEQLKNQIRDARKACADATLSQITNNIDPVGRIQMRTRRTLRGHLAKIYAMHWGTDSRLLVSASQDGKLI
IWDSYTTNKVHAIPLRSSWVMTCAYAPSGNYVACGGLDNICSIYNLKTREGNVRVSRELAGHTGYLSCCRFLDDNQIVTS
SGDTTCALWDIETGQQTTTFTGHTGDVMSLSLAPDTRLFVSGACDASAKLWDVREGMCRQTFTGHESDINAICFFPNGNA
FATGSDDATCRLFDLRADQELMTYSHDNIICGITSVSFSKSGRLLLAGYDDFNCNVWDALKADRAGVLAGHDNRVSCLGV
TDDGMAVATGSWDSFLKIWNGSSGGGGSGGGGSSGVSGWRLFKKIS
;
B
3 'polypeptide(L)' MASNNTASIAQARKLVEQLKMEANIDRIKVSKAAADLMAYCEAHAKEDPLLTPVPASENPFREKKFFCAIL G
4 'polypeptide(L)'
;MKTIIALSYIFCLVFADYKDDDDAHHHHHHHHHHENLYFQSAHHHHHHSSGLEVLFQGPPEGAALTEKTDIFESGRNGNP
NKDGIKSYRIPALLKTDKGTLIAGADERRLHSSDWGDIGMVIRRSEDNGKTWGDRVTITNLRDNPKASDPSIGSPVNIDM
VLVQDPETKRIFSIYDMFPEGKGIFGMSSQKEEAYKKIDGKTYQILYREGEKGAYTIRENGTVYTPDGKATDYRVVVDPV
KPAYSDKGDLYKGDQLLGNIYFTTNKTSPFRIAKDSYLWMSYSDDDGKTWSAPQDITPMVKADWMKFLGVGPGTGIVLRN
GPHKGRILIPVYTTNNVSHLDGSQSSRVIYSDDHGKTWHAGEAVNDNRQVDGQKIHSSTMNNRRAQNTESTVVQLNNGDV
KLFMRGLTGDLQVATSKDGGVTWEKDIKRYPQVKDVYVQMSAIHTMHEGKEYIILSNAGGPKRENGMVHLARVEENGELT
WLKHNPIQKGEFAYNSLQELGNGEYGILYEHTEKGQNAYTLSFRKFNWEFLSKNGSGSGIPIQLTVFFMIIYVLESLTII
VQSSLIVAVLGREWLQVRRLMPVDMILISLGISRFCLQWASMLNNFCSYFNLNYVLCNLTITWEFFNILTFWLNSLLTVF
YCIKVSSFTHHIFLWLRWRILRLFPWILLGCLMITCVTIIPSAIGNYIQIQLLTMEHLPRNSTVTDKLENFHQYQFQAHT
VALVIPFILFLASTIFLMASLTKQIQHHSTGHCNPSMKARFTALRSLAVLFIVFTSYFLTILITIIGTLFDKRCWLWVWE
AFVYAFILMHSTSLMLSSPTLKRILKGKCGSGSGGSGSGGSGSGGSGSGSSGGVFTLEDFVGDWEQTAAYNLDQVLEQGG
VSSLLQNLAVSVTPIQRIVRSGENALKIDIHVIIPYEGLSADQMAQIEEVFKVVYPVDDHHFKVILPYGTLVIDGVTPNM
LNYFGRPYEGIAVFDGKKITVTGTLWNGNKIIDERLITPDGSMLFRVTINS
;
R
5 'polypeptide(L)'
;DVQLVESGGGLVQPGGSRKLSCSASGFAFSSFGMHWVRQAPEKGLEWVAYISSGSGTIYYADTVKGRFTISRDDPKNTLF
LQMTSLRSEDTAMYYCVRSIYYYGSSPFDFWGQGTTLTVSSGGGGSGGGGSGGGGSDIVMTQATSSVPVTPGESVSISCR
SSKSLLHSNGNTYLYWFLQRPGQSPQLLIYRMSNLASGVPDRFSGSGSGTAFTLTISRLEAEDVGVYYCMQHLEYPLTFG
AGTKLELKAAAENLYFQSHHHHHHHH
;
S
#
loop_
_chem_comp.id
_chem_comp.type
_chem_comp.name
_chem_comp.formula
SA0 D-saccharide '2-(hydroxymethyl)phenyl beta-D-glucopyranoside' 'C13 H18 O7'
#
# COMPACT_ATOMS: atom_id res chain seq x y z
N CYS A 18 20.07 10.97 19.59
CA CYS A 18 20.03 12.07 18.63
C CYS A 18 20.80 11.72 17.35
N THR A 19 21.94 12.38 17.17
CA THR A 19 22.81 12.17 16.00
C THR A 19 22.06 12.37 14.69
N LEU A 20 21.13 13.32 14.66
CA LEU A 20 20.41 13.68 13.45
C LEU A 20 20.40 15.19 13.31
N SER A 21 20.50 15.66 12.07
CA SER A 21 20.62 17.08 11.78
C SER A 21 19.25 17.74 11.79
N ALA A 22 19.22 19.06 11.55
CA ALA A 22 17.96 19.78 11.47
C ALA A 22 17.16 19.36 10.24
N GLU A 23 17.85 19.19 9.10
CA GLU A 23 17.17 18.78 7.87
C GLU A 23 16.54 17.40 8.03
N ASP A 24 17.17 16.53 8.82
CA ASP A 24 16.56 15.24 9.13
C ASP A 24 15.25 15.42 9.88
N LYS A 25 15.22 16.33 10.85
CA LYS A 25 13.98 16.62 11.57
C LYS A 25 12.90 17.11 10.62
N ALA A 26 13.26 18.04 9.72
CA ALA A 26 12.28 18.57 8.79
C ALA A 26 11.75 17.49 7.86
N ALA A 27 12.64 16.61 7.39
CA ALA A 27 12.20 15.49 6.56
C ALA A 27 11.26 14.56 7.31
N VAL A 28 11.53 14.34 8.60
CA VAL A 28 10.67 13.48 9.40
C VAL A 28 9.27 14.09 9.53
N GLU A 29 9.21 15.40 9.76
CA GLU A 29 7.90 16.05 9.79
C GLU A 29 7.17 15.98 8.46
N ARG A 30 7.90 16.13 7.35
CA ARG A 30 7.28 15.99 6.03
C ARG A 30 6.70 14.60 5.84
N SER A 31 7.46 13.57 6.24
CA SER A 31 6.98 12.20 6.12
C SER A 31 5.74 11.96 6.97
N LYS A 32 5.73 12.52 8.18
CA LYS A 32 4.55 12.38 9.04
C LYS A 32 3.33 13.02 8.41
N MET A 33 3.50 14.20 7.82
CA MET A 33 2.37 14.86 7.17
C MET A 33 1.85 14.03 6.00
N ILE A 34 2.77 13.45 5.21
CA ILE A 34 2.34 12.60 4.09
C ILE A 34 1.58 11.39 4.59
N ASP A 35 2.05 10.78 5.67
CA ASP A 35 1.35 9.63 6.26
C ASP A 35 -0.06 10.02 6.71
N ARG A 36 -0.20 11.19 7.33
CA ARG A 36 -1.52 11.64 7.76
C ARG A 36 -2.45 11.84 6.56
N ASN A 37 -1.94 12.43 5.49
CA ASN A 37 -2.76 12.62 4.29
C ASN A 37 -3.20 11.28 3.70
N LEU A 38 -2.29 10.31 3.64
CA LEU A 38 -2.66 9.00 3.13
C LEU A 38 -3.72 8.34 4.00
N ARG A 39 -3.59 8.45 5.33
CA ARG A 39 -4.59 7.86 6.22
C ARG A 39 -5.95 8.49 6.01
N GLU A 40 -6.01 9.82 5.87
CA GLU A 40 -7.29 10.47 5.64
C GLU A 40 -7.89 10.06 4.30
N ASP A 41 -7.06 9.95 3.26
CA ASP A 41 -7.56 9.52 1.95
C ASP A 41 -8.15 8.11 2.03
N GLY A 42 -7.46 7.19 2.73
CA GLY A 42 -8.00 5.86 2.89
C GLY A 42 -9.29 5.84 3.69
N GLU A 43 -9.37 6.67 4.73
CA GLU A 43 -10.60 6.77 5.52
C GLU A 43 -11.77 7.22 4.65
N LYS A 44 -11.54 8.21 3.79
CA LYS A 44 -12.60 8.66 2.89
C LYS A 44 -12.95 7.61 1.85
N ALA A 45 -11.96 6.88 1.33
CA ALA A 45 -12.22 5.94 0.25
C ALA A 45 -12.83 4.64 0.74
N ALA A 46 -12.72 4.35 2.05
CA ALA A 46 -13.25 3.09 2.57
C ALA A 46 -14.76 2.99 2.40
N ARG A 47 -15.49 4.09 2.66
CA ARG A 47 -16.95 4.06 2.66
C ARG A 47 -17.48 4.37 1.25
N GLU A 48 -17.31 3.40 0.36
CA GLU A 48 -17.79 3.51 -1.01
C GLU A 48 -18.04 2.11 -1.54
N VAL A 49 -19.15 1.93 -2.26
CA VAL A 49 -19.49 0.63 -2.82
C VAL A 49 -19.09 0.59 -4.29
N LYS A 50 -18.57 -0.57 -4.71
CA LYS A 50 -18.05 -0.75 -6.06
C LYS A 50 -18.79 -1.88 -6.75
N LEU A 51 -19.30 -1.61 -7.95
CA LEU A 51 -20.04 -2.58 -8.73
C LEU A 51 -19.36 -2.78 -10.08
N LEU A 52 -19.28 -4.03 -10.53
CA LEU A 52 -18.66 -4.35 -11.81
C LEU A 52 -19.74 -4.81 -12.78
N LEU A 53 -19.83 -4.15 -13.93
CA LEU A 53 -20.86 -4.45 -14.92
C LEU A 53 -20.28 -5.32 -16.02
N LEU A 54 -20.91 -6.46 -16.27
CA LEU A 54 -20.49 -7.38 -17.33
C LEU A 54 -21.69 -7.71 -18.22
N GLY A 55 -21.49 -8.66 -19.12
CA GLY A 55 -22.54 -9.13 -19.99
C GLY A 55 -22.14 -9.05 -21.45
N ALA A 56 -22.90 -9.78 -22.26
CA ALA A 56 -22.71 -9.74 -23.71
C ALA A 56 -22.99 -8.34 -24.24
N GLY A 57 -22.20 -7.94 -25.24
CA GLY A 57 -22.31 -6.61 -25.80
C GLY A 57 -23.45 -6.40 -26.77
N GLU A 58 -24.29 -7.42 -26.98
CA GLU A 58 -25.40 -7.29 -27.92
C GLU A 58 -26.39 -6.21 -27.48
N SER A 59 -26.86 -6.30 -26.24
CA SER A 59 -27.82 -5.35 -25.71
C SER A 59 -27.90 -5.53 -24.20
N GLY A 60 -28.56 -4.57 -23.54
CA GLY A 60 -28.81 -4.63 -22.12
C GLY A 60 -27.74 -4.00 -21.25
N LYS A 61 -26.55 -3.75 -21.79
CA LYS A 61 -25.48 -3.12 -21.03
C LYS A 61 -25.47 -1.61 -21.17
N SER A 62 -25.88 -1.08 -22.31
CA SER A 62 -25.90 0.36 -22.54
C SER A 62 -27.19 1.03 -22.09
N THR A 63 -28.16 0.25 -21.60
CA THR A 63 -29.43 0.79 -21.13
C THR A 63 -29.47 0.96 -19.62
N ILE A 64 -29.05 -0.06 -18.87
CA ILE A 64 -28.99 0.07 -17.42
C ILE A 64 -27.96 1.10 -16.99
N VAL A 65 -26.95 1.38 -17.83
CA VAL A 65 -25.94 2.37 -17.48
C VAL A 65 -26.55 3.77 -17.48
N LYS A 66 -27.50 4.04 -18.37
CA LYS A 66 -28.20 5.31 -18.38
C LYS A 66 -29.51 5.28 -17.60
N GLN A 67 -29.92 4.11 -17.10
CA GLN A 67 -31.07 4.05 -16.21
C GLN A 67 -30.79 4.74 -14.88
N MET A 68 -29.53 4.75 -14.45
CA MET A 68 -29.18 5.36 -13.17
C MET A 68 -29.50 6.85 -13.16
N LYS A 69 -29.17 7.54 -14.25
CA LYS A 69 -29.40 8.98 -14.34
C LYS A 69 -30.85 9.29 -14.70
N THR A 197 -11.58 5.05 -24.91
CA THR A 197 -11.04 4.53 -23.66
C THR A 197 -11.36 3.05 -23.50
N GLY A 198 -10.70 2.39 -22.55
CA GLY A 198 -10.91 0.98 -22.32
C GLY A 198 -11.82 0.70 -21.14
N ILE A 199 -11.73 1.53 -20.10
CA ILE A 199 -12.56 1.40 -18.91
C ILE A 199 -13.40 2.67 -18.78
N VAL A 200 -14.61 2.50 -18.24
CA VAL A 200 -15.55 3.61 -18.04
C VAL A 200 -16.03 3.56 -16.60
N GLU A 201 -16.12 4.73 -15.97
CA GLU A 201 -16.44 4.85 -14.56
C GLU A 201 -17.62 5.80 -14.38
N THR A 202 -18.55 5.43 -13.50
CA THR A 202 -19.72 6.25 -13.22
C THR A 202 -19.94 6.35 -11.71
N HIS A 203 -20.20 7.56 -11.23
CA HIS A 203 -20.47 7.80 -9.82
C HIS A 203 -21.90 8.25 -9.62
N PHE A 204 -22.59 7.65 -8.64
CA PHE A 204 -23.89 8.19 -8.26
C PHE A 204 -24.14 7.90 -6.79
N THR A 205 -24.82 8.85 -6.13
CA THR A 205 -25.10 8.78 -4.71
C THR A 205 -26.58 8.47 -4.50
N PHE A 206 -26.87 7.49 -3.66
CA PHE A 206 -28.25 7.13 -3.37
C PHE A 206 -28.39 6.84 -1.89
N LYS A 207 -29.37 7.49 -1.26
CA LYS A 207 -29.64 7.40 0.18
C LYS A 207 -28.36 7.28 0.99
N ASP A 208 -27.50 8.28 0.81
CA ASP A 208 -26.28 8.45 1.61
C ASP A 208 -25.34 7.26 1.47
N LEU A 209 -25.25 6.70 0.27
CA LEU A 209 -24.15 5.82 -0.10
C LEU A 209 -23.64 6.16 -1.48
N HIS A 210 -22.33 6.07 -1.66
CA HIS A 210 -21.67 6.41 -2.91
C HIS A 210 -21.41 5.14 -3.72
N PHE A 211 -21.85 5.14 -4.97
CA PHE A 211 -21.81 3.98 -5.84
C PHE A 211 -20.86 4.29 -6.99
N LYS A 212 -19.87 3.41 -7.18
CA LYS A 212 -18.93 3.49 -8.28
C LYS A 212 -19.16 2.29 -9.19
N MET A 213 -19.65 2.55 -10.40
CA MET A 213 -19.96 1.53 -11.38
C MET A 213 -18.86 1.49 -12.42
N PHE A 214 -18.26 0.32 -12.61
CA PHE A 214 -17.15 0.14 -13.55
C PHE A 214 -17.66 -0.70 -14.72
N ASP A 215 -17.59 -0.13 -15.92
CA ASP A 215 -17.98 -0.80 -17.14
C ASP A 215 -16.69 -1.04 -17.93
N VAL A 216 -16.39 -2.31 -18.18
CA VAL A 216 -15.27 -2.69 -19.04
C VAL A 216 -15.73 -3.78 -20.02
N GLY A 217 -16.03 -3.38 -21.24
CA GLY A 217 -16.44 -4.31 -22.27
C GLY A 217 -15.78 -4.03 -23.59
N GLY A 218 -15.17 -2.86 -23.71
CA GLY A 218 -14.42 -2.46 -24.87
C GLY A 218 -12.94 -2.77 -24.80
N GLN A 219 -12.49 -3.47 -23.75
CA GLN A 219 -11.07 -3.77 -23.61
C GLN A 219 -10.58 -4.67 -24.74
N ARG A 220 -11.35 -5.70 -25.08
CA ARG A 220 -11.08 -6.58 -26.21
C ARG A 220 -9.69 -7.22 -26.10
N SER A 221 -9.52 -8.01 -25.05
CA SER A 221 -8.30 -8.78 -24.83
C SER A 221 -8.65 -10.03 -24.03
N GLU A 222 -7.63 -10.69 -23.49
CA GLU A 222 -7.84 -11.91 -22.71
C GLU A 222 -8.40 -11.54 -21.35
N ARG A 223 -9.57 -12.09 -21.02
CA ARG A 223 -10.26 -11.71 -19.79
C ARG A 223 -9.52 -12.21 -18.56
N LYS A 224 -8.88 -13.37 -18.66
CA LYS A 224 -8.22 -13.97 -17.50
C LYS A 224 -7.09 -13.07 -17.02
N LYS A 225 -6.32 -12.50 -17.95
CA LYS A 225 -5.08 -11.83 -17.62
C LYS A 225 -5.28 -10.51 -16.87
N TRP A 226 -6.51 -10.00 -16.79
CA TRP A 226 -6.77 -8.80 -16.03
C TRP A 226 -8.06 -8.85 -15.20
N ILE A 227 -8.75 -10.01 -15.15
CA ILE A 227 -9.97 -10.09 -14.36
C ILE A 227 -9.69 -10.09 -12.86
N HIS A 228 -8.44 -10.33 -12.45
CA HIS A 228 -8.15 -10.40 -11.02
C HIS A 228 -8.07 -9.03 -10.36
N CYS A 229 -7.91 -7.95 -11.14
CA CYS A 229 -7.84 -6.62 -10.57
C CYS A 229 -9.16 -6.22 -9.93
N PHE A 230 -10.26 -6.84 -10.35
CA PHE A 230 -11.58 -6.52 -9.83
C PHE A 230 -11.98 -7.39 -8.66
N GLU A 231 -11.11 -8.26 -8.16
CA GLU A 231 -11.42 -9.00 -6.95
C GLU A 231 -11.56 -8.03 -5.79
N GLY A 232 -12.53 -8.29 -4.93
CA GLY A 232 -12.83 -7.41 -3.82
C GLY A 232 -13.98 -6.46 -4.04
N VAL A 233 -14.65 -6.53 -5.19
CA VAL A 233 -15.80 -5.67 -5.46
C VAL A 233 -16.99 -6.18 -4.66
N THR A 234 -17.99 -5.32 -4.49
CA THR A 234 -19.17 -5.73 -3.73
C THR A 234 -20.06 -6.68 -4.53
N ALA A 235 -20.27 -6.39 -5.81
CA ALA A 235 -21.19 -7.19 -6.60
C ALA A 235 -20.88 -7.08 -8.09
N ILE A 236 -21.34 -8.09 -8.82
CA ILE A 236 -21.22 -8.14 -10.28
C ILE A 236 -22.62 -8.08 -10.88
N ILE A 237 -22.87 -7.08 -11.71
CA ILE A 237 -24.15 -6.92 -12.40
C ILE A 237 -24.02 -7.57 -13.78
N PHE A 238 -24.79 -8.63 -14.01
CA PHE A 238 -24.80 -9.35 -15.27
C PHE A 238 -26.13 -9.12 -15.97
N CYS A 239 -26.08 -8.57 -17.17
CA CYS A 239 -27.26 -8.29 -17.98
C CYS A 239 -27.37 -9.31 -19.10
N VAL A 240 -28.53 -9.95 -19.19
CA VAL A 240 -28.78 -10.99 -20.18
C VAL A 240 -29.96 -10.56 -21.04
N ALA A 241 -29.73 -10.49 -22.35
CA ALA A 241 -30.80 -10.25 -23.30
C ALA A 241 -31.66 -11.51 -23.39
N LEU A 242 -32.98 -11.35 -23.31
CA LEU A 242 -33.90 -12.47 -23.27
C LEU A 242 -34.53 -12.78 -24.62
N SER A 243 -34.83 -11.76 -25.42
CA SER A 243 -35.47 -11.97 -26.71
C SER A 243 -34.45 -12.17 -27.82
N ASP A 244 -33.52 -13.11 -27.60
CA ASP A 244 -32.51 -13.43 -28.59
C ASP A 244 -32.39 -14.93 -28.82
N TYR A 245 -33.24 -15.74 -28.19
CA TYR A 245 -33.23 -17.18 -28.45
C TYR A 245 -33.58 -17.48 -29.91
N ASP A 246 -34.57 -16.79 -30.45
CA ASP A 246 -34.85 -16.89 -31.88
C ASP A 246 -33.74 -16.26 -32.70
N LEU A 247 -33.14 -15.18 -32.19
CA LEU A 247 -32.07 -14.49 -32.91
C LEU A 247 -30.85 -15.41 -33.03
N VAL A 248 -30.09 -15.20 -34.09
CA VAL A 248 -28.98 -16.06 -34.46
C VAL A 248 -27.72 -15.22 -34.60
N LEU A 249 -26.62 -15.70 -34.02
CA LEU A 249 -25.35 -15.01 -34.11
C LEU A 249 -24.87 -14.91 -35.55
N ALA A 250 -24.24 -13.77 -35.87
CA ALA A 250 -23.68 -13.58 -37.21
C ALA A 250 -22.58 -14.59 -37.48
N GLU A 251 -21.73 -14.85 -36.50
CA GLU A 251 -20.68 -15.86 -36.60
C GLU A 251 -21.17 -17.15 -35.98
N ASP A 252 -20.97 -18.27 -36.69
CA ASP A 252 -21.45 -19.58 -36.26
C ASP A 252 -22.97 -19.57 -36.07
N GLU A 253 -23.66 -19.38 -37.20
CA GLU A 253 -25.11 -19.19 -37.19
C GLU A 253 -25.82 -20.37 -36.55
N GLU A 254 -25.24 -21.56 -36.59
CA GLU A 254 -25.82 -22.71 -35.92
C GLU A 254 -25.75 -22.59 -34.40
N MET A 255 -24.99 -21.64 -33.87
CA MET A 255 -24.80 -21.46 -32.44
C MET A 255 -25.56 -20.22 -32.00
N ASN A 256 -26.41 -20.38 -30.98
CA ASN A 256 -27.36 -19.35 -30.60
C ASN A 256 -26.76 -18.35 -29.61
N ARG A 257 -27.38 -17.17 -29.55
CA ARG A 257 -26.99 -16.13 -28.59
C ARG A 257 -27.22 -16.58 -27.15
N MET A 258 -28.34 -17.26 -26.89
CA MET A 258 -28.65 -17.68 -25.53
C MET A 258 -27.59 -18.62 -24.98
N HIS A 259 -27.07 -19.52 -25.82
CA HIS A 259 -26.01 -20.42 -25.35
C HIS A 259 -24.73 -19.65 -25.06
N GLU A 260 -24.46 -18.58 -25.83
CA GLU A 260 -23.31 -17.73 -25.53
C GLU A 260 -23.47 -17.05 -24.18
N SER A 261 -24.66 -16.54 -23.89
CA SER A 261 -24.91 -15.96 -22.58
C SER A 261 -24.77 -17.01 -21.47
N MET A 262 -25.24 -18.22 -21.75
CA MET A 262 -25.14 -19.31 -20.77
C MET A 262 -23.69 -19.64 -20.46
N LYS A 263 -22.85 -19.74 -21.49
CA LYS A 263 -21.44 -20.05 -21.25
C LYS A 263 -20.73 -18.89 -20.57
N LEU A 264 -21.12 -17.65 -20.89
CA LEU A 264 -20.54 -16.51 -20.19
C LEU A 264 -20.87 -16.54 -18.71
N PHE A 265 -22.14 -16.83 -18.38
CA PHE A 265 -22.52 -16.94 -16.97
C PHE A 265 -21.80 -18.10 -16.29
N ASP A 266 -21.67 -19.22 -16.98
CA ASP A 266 -20.99 -20.38 -16.38
C ASP A 266 -19.52 -20.09 -16.14
N SER A 267 -18.91 -19.26 -16.99
CA SER A 267 -17.51 -18.89 -16.80
C SER A 267 -17.34 -17.87 -15.69
N ILE A 268 -18.30 -16.94 -15.56
CA ILE A 268 -18.13 -15.86 -14.59
C ILE A 268 -18.57 -16.26 -13.18
N CYS A 269 -19.57 -17.15 -13.06
CA CYS A 269 -20.07 -17.52 -11.74
C CYS A 269 -19.08 -18.42 -10.99
N ASN A 270 -18.52 -19.40 -11.67
CA ASN A 270 -17.62 -20.37 -11.05
C ASN A 270 -16.15 -20.00 -11.20
N ASN A 271 -15.84 -18.72 -11.32
CA ASN A 271 -14.45 -18.29 -11.38
C ASN A 271 -13.81 -18.42 -10.00
N LYS A 272 -12.49 -18.57 -9.99
CA LYS A 272 -11.78 -18.79 -8.73
C LYS A 272 -11.83 -17.56 -7.84
N TRP A 273 -11.72 -16.37 -8.42
CA TRP A 273 -11.62 -15.15 -7.61
C TRP A 273 -12.95 -14.82 -6.96
N PHE A 274 -14.05 -15.00 -7.69
CA PHE A 274 -15.38 -14.61 -7.19
C PHE A 274 -16.08 -15.83 -6.59
N THR A 275 -15.63 -16.18 -5.38
CA THR A 275 -16.26 -17.25 -4.61
C THR A 275 -17.25 -16.73 -3.57
N ASP A 276 -17.17 -15.44 -3.23
CA ASP A 276 -18.10 -14.84 -2.28
C ASP A 276 -18.84 -13.62 -2.84
N THR A 277 -18.49 -13.17 -4.04
CA THR A 277 -19.10 -11.97 -4.60
C THR A 277 -20.47 -12.28 -5.19
N SER A 278 -21.47 -11.53 -4.76
CA SER A 278 -22.83 -11.75 -5.23
C SER A 278 -22.99 -11.26 -6.67
N ILE A 279 -23.96 -11.86 -7.36
CA ILE A 279 -24.24 -11.58 -8.76
C ILE A 279 -25.69 -11.15 -8.88
N ILE A 280 -25.91 -10.01 -9.51
CA ILE A 280 -27.24 -9.44 -9.73
C ILE A 280 -27.58 -9.62 -11.20
N LEU A 281 -28.64 -10.38 -11.47
CA LEU A 281 -29.03 -10.73 -12.82
C LEU A 281 -30.15 -9.81 -13.30
N PHE A 282 -29.97 -9.26 -14.50
CA PHE A 282 -30.96 -8.37 -15.12
C PHE A 282 -31.38 -8.97 -16.45
N LEU A 283 -32.62 -9.44 -16.53
CA LEU A 283 -33.18 -9.98 -17.75
C LEU A 283 -33.84 -8.85 -18.53
N ASN A 284 -33.36 -8.59 -19.74
CA ASN A 284 -33.77 -7.39 -20.47
C ASN A 284 -34.83 -7.70 -21.53
N LYS A 285 -35.39 -6.61 -22.08
CA LYS A 285 -36.33 -6.63 -23.20
C LYS A 285 -37.48 -7.61 -22.95
N LYS A 286 -38.28 -7.27 -21.94
CA LYS A 286 -39.45 -8.08 -21.60
C LYS A 286 -40.55 -7.97 -22.65
N ASP A 287 -40.82 -6.74 -23.10
CA ASP A 287 -41.91 -6.52 -24.06
C ASP A 287 -41.62 -7.18 -25.40
N LEU A 288 -40.37 -7.10 -25.85
CA LEU A 288 -40.00 -7.74 -27.11
C LEU A 288 -40.19 -9.25 -27.03
N PHE A 289 -39.83 -9.85 -25.89
CA PHE A 289 -40.03 -11.27 -25.72
C PHE A 289 -41.52 -11.61 -25.64
N GLU A 290 -42.32 -10.76 -24.98
CA GLU A 290 -43.76 -11.00 -24.91
C GLU A 290 -44.38 -11.01 -26.30
N GLU A 291 -44.00 -10.05 -27.13
CA GLU A 291 -44.50 -10.02 -28.50
C GLU A 291 -43.85 -11.07 -29.38
N LYS A 292 -42.73 -11.65 -28.95
CA LYS A 292 -42.02 -12.66 -29.71
C LYS A 292 -42.38 -14.09 -29.32
N ILE A 293 -42.63 -14.34 -28.03
CA ILE A 293 -42.97 -15.69 -27.59
C ILE A 293 -44.33 -16.13 -28.11
N LYS A 294 -45.18 -15.19 -28.52
CA LYS A 294 -46.51 -15.53 -29.01
C LYS A 294 -46.45 -16.21 -30.38
N LYS A 295 -45.30 -16.20 -31.05
CA LYS A 295 -45.18 -16.77 -32.39
C LYS A 295 -44.31 -18.01 -32.43
N SER A 296 -43.23 -18.06 -31.64
CA SER A 296 -42.31 -19.18 -31.69
C SER A 296 -42.09 -19.73 -30.29
N PRO A 297 -42.08 -21.06 -30.14
CA PRO A 297 -41.82 -21.66 -28.83
C PRO A 297 -40.33 -21.75 -28.52
N LEU A 298 -39.99 -22.09 -27.28
CA LEU A 298 -38.60 -22.16 -26.86
C LEU A 298 -37.85 -23.33 -27.48
N THR A 299 -38.55 -24.24 -28.16
CA THR A 299 -37.89 -25.42 -28.73
C THR A 299 -36.86 -25.07 -29.79
N ILE A 300 -36.92 -23.85 -30.34
CA ILE A 300 -35.91 -23.43 -31.31
C ILE A 300 -34.52 -23.41 -30.68
N CYS A 301 -34.45 -23.09 -29.39
CA CYS A 301 -33.20 -23.12 -28.65
C CYS A 301 -33.22 -24.10 -27.47
N TYR A 302 -34.41 -24.43 -26.95
CA TYR A 302 -34.58 -25.34 -25.83
C TYR A 302 -35.50 -26.47 -26.28
N PRO A 303 -34.99 -27.41 -27.07
CA PRO A 303 -35.87 -28.49 -27.57
C PRO A 303 -36.51 -29.32 -26.46
N GLU A 304 -35.84 -29.47 -25.33
CA GLU A 304 -36.35 -30.28 -24.23
C GLU A 304 -37.40 -29.56 -23.40
N TYR A 305 -37.66 -28.29 -23.67
CA TYR A 305 -38.63 -27.53 -22.87
C TYR A 305 -40.03 -28.09 -23.07
N ALA A 306 -40.78 -28.18 -21.96
CA ALA A 306 -42.17 -28.59 -21.99
C ALA A 306 -43.00 -27.59 -21.18
N GLY A 307 -44.26 -27.43 -21.59
CA GLY A 307 -45.16 -26.50 -20.93
C GLY A 307 -45.81 -25.55 -21.92
N SER A 308 -46.72 -24.74 -21.37
CA SER A 308 -47.48 -23.81 -22.18
C SER A 308 -46.59 -22.70 -22.73
N ASN A 309 -47.03 -22.09 -23.83
CA ASN A 309 -46.30 -21.04 -24.50
C ASN A 309 -46.68 -19.64 -24.02
N THR A 310 -47.27 -19.54 -22.83
CA THR A 310 -47.62 -18.24 -22.29
C THR A 310 -46.39 -17.55 -21.72
N TYR A 311 -46.55 -16.26 -21.41
CA TYR A 311 -45.40 -15.45 -20.99
C TYR A 311 -44.86 -15.90 -19.64
N GLU A 312 -45.73 -16.05 -18.64
CA GLU A 312 -45.28 -16.28 -17.27
C GLU A 312 -44.55 -17.62 -17.15
N GLU A 313 -45.09 -18.67 -17.77
CA GLU A 313 -44.45 -19.98 -17.70
C GLU A 313 -43.06 -19.95 -18.32
N ALA A 314 -42.94 -19.33 -19.50
CA ALA A 314 -41.64 -19.25 -20.16
C ALA A 314 -40.65 -18.43 -19.35
N ALA A 315 -41.10 -17.31 -18.78
CA ALA A 315 -40.20 -16.48 -17.99
C ALA A 315 -39.70 -17.22 -16.75
N ALA A 316 -40.61 -17.89 -16.04
CA ALA A 316 -40.20 -18.67 -14.89
C ALA A 316 -39.25 -19.80 -15.28
N TYR A 317 -39.53 -20.46 -16.42
CA TYR A 317 -38.67 -21.53 -16.86
C TYR A 317 -37.26 -21.03 -17.17
N ILE A 318 -37.16 -19.87 -17.84
CA ILE A 318 -35.84 -19.34 -18.17
C ILE A 318 -35.11 -18.91 -16.91
N GLN A 319 -35.82 -18.28 -15.96
CA GLN A 319 -35.18 -17.89 -14.71
C GLN A 319 -34.64 -19.09 -13.95
N CYS A 320 -35.43 -20.17 -13.87
CA CYS A 320 -34.96 -21.38 -13.21
C CYS A 320 -33.79 -21.99 -13.96
N GLN A 321 -33.84 -21.97 -15.30
CA GLN A 321 -32.74 -22.52 -16.08
C GLN A 321 -31.44 -21.79 -15.81
N PHE A 322 -31.50 -20.46 -15.73
CA PHE A 322 -30.29 -19.69 -15.46
C PHE A 322 -29.81 -19.87 -14.02
N GLU A 323 -30.73 -19.94 -13.06
CA GLU A 323 -30.33 -20.13 -11.68
C GLU A 323 -29.78 -21.53 -11.43
N ASP A 324 -30.12 -22.50 -12.27
CA ASP A 324 -29.63 -23.86 -12.07
C ASP A 324 -28.14 -23.99 -12.33
N LEU A 325 -27.54 -23.07 -13.10
CA LEU A 325 -26.12 -23.16 -13.43
C LEU A 325 -25.21 -22.93 -12.23
N ASN A 326 -25.74 -22.42 -11.13
CA ASN A 326 -24.91 -22.22 -9.94
C ASN A 326 -24.48 -23.56 -9.37
N LYS A 327 -23.23 -23.64 -8.94
CA LYS A 327 -22.67 -24.84 -8.34
C LYS A 327 -22.49 -24.73 -6.83
N ARG A 328 -21.96 -23.61 -6.35
CA ARG A 328 -21.74 -23.39 -4.91
C ARG A 328 -22.92 -22.59 -4.37
N LYS A 329 -24.01 -23.30 -4.11
CA LYS A 329 -25.23 -22.69 -3.58
C LYS A 329 -25.24 -22.70 -2.06
N ASP A 330 -24.16 -22.22 -1.46
CA ASP A 330 -24.08 -22.09 -0.01
C ASP A 330 -23.62 -20.70 0.39
N THR A 331 -22.82 -20.07 -0.48
CA THR A 331 -22.29 -18.73 -0.23
C THR A 331 -22.88 -17.68 -1.16
N LYS A 332 -22.94 -17.97 -2.46
CA LYS A 332 -23.54 -17.03 -3.40
C LYS A 332 -25.03 -16.89 -3.17
N GLU A 333 -25.54 -15.68 -3.42
CA GLU A 333 -26.96 -15.44 -3.56
C GLU A 333 -27.20 -14.73 -4.89
N ILE A 334 -28.01 -15.33 -5.75
CA ILE A 334 -28.32 -14.77 -7.06
C ILE A 334 -29.68 -14.11 -6.97
N TYR A 335 -29.72 -12.80 -7.21
CA TYR A 335 -30.95 -12.02 -7.18
C TYR A 335 -31.36 -11.74 -8.61
N THR A 336 -32.59 -12.11 -8.94
CA THR A 336 -33.13 -11.96 -10.29
C THR A 336 -34.22 -10.91 -10.29
N HIS A 337 -34.30 -10.14 -11.38
CA HIS A 337 -35.28 -9.06 -11.47
C HIS A 337 -35.48 -8.67 -12.93
N PHE A 338 -36.70 -8.78 -13.42
CA PHE A 338 -37.05 -8.32 -14.74
C PHE A 338 -37.18 -6.80 -14.77
N THR A 339 -36.61 -6.19 -15.80
CA THR A 339 -36.60 -4.74 -15.91
C THR A 339 -37.93 -4.22 -16.45
N CYS A 340 -38.11 -2.90 -16.34
CA CYS A 340 -39.27 -2.22 -16.89
C CYS A 340 -38.90 -0.78 -17.21
N ALA A 341 -39.89 0.00 -17.63
CA ALA A 341 -39.63 1.38 -18.04
C ALA A 341 -39.14 2.23 -16.89
N THR A 342 -39.74 2.07 -15.71
CA THR A 342 -39.37 2.90 -14.57
C THR A 342 -37.98 2.53 -14.07
N ASP A 343 -37.11 3.53 -13.95
CA ASP A 343 -35.74 3.33 -13.50
C ASP A 343 -35.58 3.44 -11.99
N THR A 344 -36.57 3.99 -11.29
CA THR A 344 -36.46 4.12 -9.83
C THR A 344 -36.42 2.76 -9.15
N LYS A 345 -37.20 1.80 -9.67
CA LYS A 345 -37.33 0.51 -9.00
C LYS A 345 -36.05 -0.31 -9.10
N ASN A 346 -35.33 -0.21 -10.23
CA ASN A 346 -34.08 -0.94 -10.39
C ASN A 346 -33.04 -0.52 -9.35
N VAL A 347 -32.95 0.79 -9.11
CA VAL A 347 -32.01 1.31 -8.12
C VAL A 347 -32.37 0.77 -6.74
N GLN A 348 -33.66 0.65 -6.44
CA GLN A 348 -34.05 0.06 -5.15
C GLN A 348 -33.61 -1.38 -5.05
N PHE A 349 -33.69 -2.14 -6.14
CA PHE A 349 -33.26 -3.53 -6.11
C PHE A 349 -31.76 -3.64 -5.86
N VAL A 350 -30.97 -2.84 -6.57
CA VAL A 350 -29.52 -2.89 -6.35
C VAL A 350 -29.18 -2.41 -4.94
N PHE A 351 -29.92 -1.43 -4.42
CA PHE A 351 -29.69 -0.96 -3.06
C PHE A 351 -29.95 -2.06 -2.05
N ASP A 352 -31.06 -2.77 -2.20
CA ASP A 352 -31.39 -3.84 -1.26
C ASP A 352 -30.35 -4.96 -1.32
N ALA A 353 -29.92 -5.33 -2.52
CA ALA A 353 -28.90 -6.35 -2.65
C ALA A 353 -27.60 -5.93 -1.98
N VAL A 354 -27.19 -4.67 -2.19
CA VAL A 354 -25.96 -4.17 -1.60
C VAL A 354 -26.07 -4.14 -0.08
N THR A 355 -27.23 -3.74 0.44
CA THR A 355 -27.44 -3.72 1.88
C THR A 355 -27.33 -5.13 2.47
N ASP A 356 -27.95 -6.11 1.82
CA ASP A 356 -27.85 -7.48 2.32
C ASP A 356 -26.41 -7.96 2.33
N VAL A 357 -25.67 -7.71 1.24
CA VAL A 357 -24.29 -8.17 1.16
C VAL A 357 -23.43 -7.48 2.22
N ILE A 358 -23.64 -6.19 2.44
CA ILE A 358 -22.80 -5.48 3.40
C ILE A 358 -23.12 -5.90 4.83
N ILE A 359 -24.40 -6.19 5.13
CA ILE A 359 -24.73 -6.71 6.45
C ILE A 359 -24.10 -8.08 6.66
N LYS A 360 -24.12 -8.93 5.63
CA LYS A 360 -23.45 -10.22 5.74
C LYS A 360 -21.96 -10.05 5.98
N ASN A 361 -21.34 -9.10 5.29
CA ASN A 361 -19.91 -8.85 5.48
C ASN A 361 -19.62 -8.39 6.91
N ASN A 362 -20.45 -7.49 7.43
CA ASN A 362 -20.26 -7.02 8.80
C ASN A 362 -20.42 -8.16 9.80
N LEU A 363 -21.42 -9.02 9.60
CA LEU A 363 -21.56 -10.19 10.48
C LEU A 363 -20.36 -11.11 10.39
N LYS A 364 -19.80 -11.28 9.19
CA LYS A 364 -18.60 -12.10 9.04
C LYS A 364 -17.42 -11.48 9.78
N ASP A 365 -17.32 -10.15 9.77
CA ASP A 365 -16.21 -9.49 10.44
C ASP A 365 -16.27 -9.67 11.95
N CYS A 366 -17.47 -9.67 12.53
CA CYS A 366 -17.62 -9.77 13.98
C CYS A 366 -17.54 -11.20 14.50
N GLY A 367 -17.44 -12.20 13.62
CA GLY A 367 -17.31 -13.57 14.03
C GLY A 367 -18.60 -14.28 14.37
N LEU A 368 -19.73 -13.56 14.40
CA LEU A 368 -21.01 -14.17 14.72
C LEU A 368 -21.48 -15.15 13.65
N PHE A 369 -20.90 -15.12 12.46
CA PHE A 369 -21.26 -16.04 11.39
C PHE A 369 -20.87 -17.46 11.75
N GLU B 3 -4.13 -19.08 -53.31
CA GLU B 3 -2.68 -19.00 -53.20
C GLU B 3 -2.22 -19.36 -51.79
N LEU B 4 -3.18 -19.53 -50.89
CA LEU B 4 -2.85 -19.83 -49.50
C LEU B 4 -2.15 -21.17 -49.36
N ASP B 5 -2.46 -22.13 -50.24
CA ASP B 5 -1.86 -23.46 -50.14
C ASP B 5 -0.35 -23.40 -50.35
N GLN B 6 0.09 -22.77 -51.45
CA GLN B 6 1.51 -22.70 -51.74
C GLN B 6 2.26 -21.89 -50.68
N LEU B 7 1.65 -20.78 -50.23
CA LEU B 7 2.28 -19.96 -49.20
C LEU B 7 2.44 -20.76 -47.91
N ARG B 8 1.41 -21.50 -47.52
CA ARG B 8 1.51 -22.31 -46.31
C ARG B 8 2.56 -23.41 -46.46
N GLN B 9 2.62 -24.04 -47.63
CA GLN B 9 3.61 -25.09 -47.84
C GLN B 9 5.03 -24.55 -47.77
N GLU B 10 5.28 -23.39 -48.39
CA GLU B 10 6.63 -22.84 -48.34
C GLU B 10 6.97 -22.31 -46.95
N ALA B 11 5.99 -21.79 -46.22
CA ALA B 11 6.23 -21.40 -44.83
C ALA B 11 6.61 -22.61 -43.99
N GLU B 12 5.91 -23.73 -44.18
CA GLU B 12 6.26 -24.96 -43.46
C GLU B 12 7.65 -25.45 -43.85
N GLN B 13 7.99 -25.35 -45.12
CA GLN B 13 9.32 -25.75 -45.57
C GLN B 13 10.40 -24.89 -44.91
N LEU B 14 10.17 -23.58 -44.82
CA LEU B 14 11.14 -22.71 -44.17
C LEU B 14 11.23 -22.99 -42.68
N LYS B 15 10.10 -23.32 -42.04
CA LYS B 15 10.15 -23.72 -40.63
C LYS B 15 10.98 -24.97 -40.46
N ASN B 16 10.81 -25.95 -41.35
CA ASN B 16 11.64 -27.16 -41.29
C ASN B 16 13.12 -26.82 -41.47
N GLN B 17 13.41 -25.89 -42.39
CA GLN B 17 14.79 -25.50 -42.64
C GLN B 17 15.41 -24.90 -41.38
N ILE B 18 14.69 -23.97 -40.74
CA ILE B 18 15.24 -23.36 -39.53
C ILE B 18 15.34 -24.38 -38.40
N ARG B 19 14.43 -25.35 -38.34
CA ARG B 19 14.51 -26.36 -37.30
C ARG B 19 15.78 -27.18 -37.51
N ASP B 20 16.09 -27.53 -38.77
CA ASP B 20 17.32 -28.25 -39.09
C ASP B 20 18.55 -27.42 -38.74
N ALA B 21 18.49 -26.11 -39.01
CA ALA B 21 19.61 -25.24 -38.67
C ALA B 21 19.84 -25.23 -37.17
N ARG B 22 18.76 -25.16 -36.39
CA ARG B 22 18.88 -25.24 -34.93
C ARG B 22 19.44 -26.59 -34.48
N LYS B 23 19.05 -27.67 -35.15
CA LYS B 23 19.63 -28.97 -34.84
C LYS B 23 21.13 -28.96 -35.07
N ALA B 24 21.56 -28.36 -36.18
CA ALA B 24 22.99 -28.26 -36.46
C ALA B 24 23.70 -27.41 -35.41
N CYS B 25 23.04 -26.36 -34.92
CA CYS B 25 23.67 -25.46 -33.97
C CYS B 25 23.95 -26.14 -32.64
N ALA B 26 22.99 -26.95 -32.15
CA ALA B 26 23.12 -27.54 -30.82
C ALA B 26 24.17 -28.65 -30.82
N ASP B 27 25.16 -28.52 -29.94
CA ASP B 27 26.23 -29.51 -29.81
C ASP B 27 26.30 -30.12 -28.42
N ALA B 28 26.26 -29.30 -27.36
CA ALA B 28 26.34 -29.82 -26.00
C ALA B 28 25.51 -28.93 -25.09
N THR B 29 24.89 -29.56 -24.09
CA THR B 29 24.03 -28.82 -23.18
C THR B 29 24.88 -28.06 -22.16
N LEU B 30 24.23 -27.13 -21.45
CA LEU B 30 24.92 -26.30 -20.47
C LEU B 30 25.44 -27.10 -19.28
N SER B 31 24.72 -28.15 -18.89
CA SER B 31 25.13 -28.94 -17.73
C SER B 31 26.49 -29.61 -17.95
N GLN B 32 26.72 -30.13 -19.17
CA GLN B 32 27.98 -30.82 -19.46
C GLN B 32 29.18 -29.90 -19.24
N ILE B 33 28.99 -28.59 -19.37
CA ILE B 33 30.06 -27.64 -19.10
C ILE B 33 30.05 -27.20 -17.64
N THR B 34 28.89 -26.82 -17.12
CA THR B 34 28.78 -26.40 -15.72
C THR B 34 28.40 -27.55 -14.80
N ASN B 35 29.11 -28.68 -14.93
CA ASN B 35 29.01 -29.78 -14.00
C ASN B 35 30.20 -29.87 -13.05
N ASN B 36 31.08 -28.87 -13.04
CA ASN B 36 32.30 -28.94 -12.24
C ASN B 36 32.55 -27.72 -11.37
N ILE B 37 31.82 -26.63 -11.57
CA ILE B 37 32.10 -25.41 -10.80
C ILE B 37 31.57 -25.57 -9.38
N ASP B 38 32.07 -24.72 -8.48
CA ASP B 38 31.70 -24.80 -7.08
C ASP B 38 30.27 -24.33 -6.86
N PRO B 39 29.47 -25.04 -6.08
CA PRO B 39 28.12 -24.56 -5.77
C PRO B 39 28.13 -23.28 -4.95
N VAL B 40 27.09 -22.48 -5.13
CA VAL B 40 27.03 -21.19 -4.43
C VAL B 40 26.79 -21.38 -2.93
N GLY B 41 26.26 -22.55 -2.54
CA GLY B 41 25.97 -22.79 -1.15
C GLY B 41 24.66 -22.18 -0.71
N ARG B 42 24.38 -22.31 0.58
CA ARG B 42 23.15 -21.79 1.15
C ARG B 42 23.16 -20.27 1.13
N ILE B 43 22.02 -19.67 0.80
CA ILE B 43 21.87 -18.22 0.70
C ILE B 43 20.75 -17.81 1.65
N GLN B 44 21.10 -17.03 2.68
CA GLN B 44 20.15 -16.58 3.69
C GLN B 44 20.17 -15.06 3.74
N MET B 45 19.00 -14.46 3.58
CA MET B 45 18.84 -13.02 3.63
C MET B 45 17.66 -12.68 4.53
N ARG B 46 17.69 -11.50 5.12
CA ARG B 46 16.59 -11.06 5.97
C ARG B 46 16.25 -9.61 5.67
N THR B 47 15.11 -9.18 6.22
CA THR B 47 14.54 -7.87 5.96
C THR B 47 15.28 -6.83 6.78
N ARG B 48 16.11 -6.03 6.12
CA ARG B 48 16.81 -4.97 6.84
C ARG B 48 15.90 -3.78 7.11
N ARG B 49 14.91 -3.55 6.25
CA ARG B 49 14.02 -2.42 6.40
C ARG B 49 12.69 -2.75 5.76
N THR B 50 11.61 -2.26 6.36
CA THR B 50 10.27 -2.48 5.87
C THR B 50 9.56 -1.15 5.69
N LEU B 51 8.66 -1.10 4.71
CA LEU B 51 7.97 0.13 4.33
C LEU B 51 6.47 -0.11 4.39
N ARG B 52 5.74 0.92 4.82
CA ARG B 52 4.29 0.82 4.98
C ARG B 52 3.65 2.15 4.63
N GLY B 53 2.36 2.11 4.34
CA GLY B 53 1.63 3.31 3.95
C GLY B 53 0.59 3.08 2.88
N HIS B 54 0.78 2.05 2.06
CA HIS B 54 -0.24 1.66 1.10
C HIS B 54 -1.42 1.02 1.82
N LEU B 55 -2.58 1.06 1.17
CA LEU B 55 -3.80 0.45 1.70
C LEU B 55 -4.43 -0.51 0.71
N ALA B 56 -3.66 -1.01 -0.25
CA ALA B 56 -4.17 -1.92 -1.27
C ALA B 56 -2.99 -2.67 -1.87
N LYS B 57 -3.28 -3.51 -2.86
CA LYS B 57 -2.25 -4.36 -3.46
C LYS B 57 -1.28 -3.53 -4.28
N ILE B 58 0.00 -3.89 -4.19
CA ILE B 58 1.08 -3.23 -4.92
C ILE B 58 1.30 -3.99 -6.22
N TYR B 59 1.41 -3.26 -7.33
CA TYR B 59 1.59 -3.92 -8.62
C TYR B 59 2.94 -3.67 -9.29
N ALA B 60 3.57 -2.52 -9.06
CA ALA B 60 4.82 -2.19 -9.74
C ALA B 60 5.78 -1.53 -8.78
N MET B 61 7.07 -1.59 -9.13
CA MET B 61 8.14 -1.02 -8.32
C MET B 61 9.40 -0.95 -9.16
N HIS B 62 10.10 0.19 -9.06
CA HIS B 62 11.30 0.41 -9.85
C HIS B 62 12.33 1.17 -9.04
N TRP B 63 13.57 0.70 -9.09
CA TRP B 63 14.69 1.37 -8.41
C TRP B 63 15.18 2.55 -9.22
N GLY B 64 15.69 3.56 -8.52
CA GLY B 64 16.29 4.69 -9.18
C GLY B 64 17.70 4.39 -9.65
N THR B 65 18.30 5.39 -10.31
CA THR B 65 19.64 5.19 -10.86
C THR B 65 20.73 5.36 -9.81
N ASP B 66 20.41 5.94 -8.66
CA ASP B 66 21.38 6.13 -7.59
C ASP B 66 21.30 5.06 -6.51
N SER B 67 20.41 4.09 -6.64
CA SER B 67 20.23 3.01 -5.67
C SER B 67 19.82 3.53 -4.30
N ARG B 68 19.10 4.66 -4.27
CA ARG B 68 18.66 5.22 -3.00
C ARG B 68 17.15 5.47 -2.98
N LEU B 69 16.59 5.88 -4.11
CA LEU B 69 15.21 6.34 -4.18
C LEU B 69 14.35 5.29 -4.87
N LEU B 70 13.13 5.11 -4.38
CA LEU B 70 12.22 4.07 -4.84
C LEU B 70 10.88 4.67 -5.22
N VAL B 71 10.19 4.02 -6.16
CA VAL B 71 8.85 4.43 -6.57
C VAL B 71 7.95 3.20 -6.57
N SER B 72 6.79 3.33 -5.94
CA SER B 72 5.85 2.23 -5.82
C SER B 72 4.45 2.65 -6.24
N ALA B 73 3.73 1.72 -6.87
CA ALA B 73 2.39 1.95 -7.39
C ALA B 73 1.44 0.87 -6.89
N SER B 74 0.29 1.29 -6.38
CA SER B 74 -0.73 0.41 -5.84
C SER B 74 -2.10 0.90 -6.28
N GLN B 75 -3.13 0.11 -5.95
CA GLN B 75 -4.47 0.31 -6.51
C GLN B 75 -5.27 1.39 -5.80
N ASP B 76 -4.82 1.92 -4.67
CA ASP B 76 -5.56 3.03 -4.06
C ASP B 76 -5.44 4.32 -4.87
N GLY B 77 -4.54 4.36 -5.84
CA GLY B 77 -4.40 5.53 -6.69
C GLY B 77 -3.28 6.44 -6.25
N LYS B 78 -2.15 5.85 -5.85
CA LYS B 78 -1.04 6.61 -5.32
C LYS B 78 0.26 6.15 -5.95
N LEU B 79 1.17 7.09 -6.17
CA LEU B 79 2.54 6.80 -6.56
C LEU B 79 3.45 7.38 -5.48
N ILE B 80 4.12 6.51 -4.74
CA ILE B 80 4.87 6.95 -3.56
C ILE B 80 6.36 6.81 -3.85
N ILE B 81 7.12 7.87 -3.53
CA ILE B 81 8.57 7.86 -3.69
C ILE B 81 9.18 7.78 -2.30
N TRP B 82 9.97 6.74 -2.08
CA TRP B 82 10.55 6.41 -0.78
C TRP B 82 12.05 6.66 -0.79
N ASP B 83 12.57 7.09 0.36
CA ASP B 83 13.99 7.12 0.64
C ASP B 83 14.30 5.92 1.52
N SER B 84 14.87 4.87 0.93
CA SER B 84 15.02 3.59 1.60
C SER B 84 16.05 3.60 2.71
N TYR B 85 16.92 4.60 2.77
CA TYR B 85 17.95 4.63 3.81
C TYR B 85 17.33 4.87 5.19
N THR B 86 16.40 5.81 5.29
CA THR B 86 15.82 6.19 6.56
C THR B 86 14.30 6.08 6.62
N THR B 87 13.66 5.55 5.57
CA THR B 87 12.22 5.30 5.53
C THR B 87 11.44 6.61 5.74
N ASN B 88 11.57 7.50 4.77
CA ASN B 88 10.78 8.70 4.69
C ASN B 88 10.11 8.78 3.32
N LYS B 89 9.01 9.51 3.27
CA LYS B 89 8.29 9.74 2.02
C LYS B 89 8.61 11.14 1.52
N VAL B 90 9.12 11.22 0.29
CA VAL B 90 9.54 12.51 -0.26
C VAL B 90 8.46 13.04 -1.21
N HIS B 91 7.65 12.15 -1.77
CA HIS B 91 6.58 12.55 -2.68
C HIS B 91 5.47 11.51 -2.66
N ALA B 92 4.23 11.99 -2.69
CA ALA B 92 3.04 11.14 -2.79
C ALA B 92 2.16 11.72 -3.89
N ILE B 93 2.29 11.19 -5.10
CA ILE B 93 1.58 11.72 -6.26
C ILE B 93 0.21 11.04 -6.35
N PRO B 94 -0.88 11.81 -6.43
CA PRO B 94 -2.18 11.21 -6.71
C PRO B 94 -2.37 10.92 -8.20
N LEU B 95 -3.14 9.88 -8.48
CA LEU B 95 -3.40 9.44 -9.83
C LEU B 95 -4.85 9.72 -10.21
N ARG B 96 -5.08 9.82 -11.52
CA ARG B 96 -6.43 10.03 -12.04
C ARG B 96 -7.19 8.72 -12.21
N SER B 97 -6.49 7.64 -12.56
CA SER B 97 -7.09 6.31 -12.70
C SER B 97 -6.45 5.38 -11.68
N SER B 98 -7.27 4.60 -10.98
CA SER B 98 -6.80 3.74 -9.92
C SER B 98 -6.30 2.39 -10.42
N TRP B 99 -6.39 2.12 -11.71
CA TRP B 99 -5.97 0.85 -12.28
C TRP B 99 -4.65 1.04 -13.00
N VAL B 100 -3.55 0.64 -12.36
CA VAL B 100 -2.22 0.75 -12.92
C VAL B 100 -1.55 -0.61 -12.85
N MET B 101 -0.62 -0.84 -13.78
CA MET B 101 0.13 -2.10 -13.78
C MET B 101 1.60 -1.91 -14.11
N THR B 102 2.11 -0.68 -14.16
CA THR B 102 3.52 -0.47 -14.47
C THR B 102 3.96 0.89 -13.94
N CYS B 103 5.27 1.03 -13.75
CA CYS B 103 5.88 2.28 -13.32
C CYS B 103 7.35 2.24 -13.68
N ALA B 104 7.95 3.42 -13.81
CA ALA B 104 9.33 3.51 -14.23
C ALA B 104 9.97 4.78 -13.66
N TYR B 105 11.29 4.79 -13.68
CA TYR B 105 12.10 5.91 -13.23
C TYR B 105 13.05 6.33 -14.34
N ALA B 106 12.99 7.59 -14.74
CA ALA B 106 13.88 8.09 -15.77
C ALA B 106 15.34 8.04 -15.29
N PRO B 107 16.29 7.73 -16.17
CA PRO B 107 17.69 7.60 -15.71
C PRO B 107 18.24 8.86 -15.07
N SER B 108 17.87 10.04 -15.57
CA SER B 108 18.38 11.28 -14.99
C SER B 108 17.83 11.49 -13.58
N GLY B 109 16.56 11.17 -13.36
CA GLY B 109 15.93 11.36 -12.08
C GLY B 109 14.94 12.51 -12.01
N ASN B 110 14.39 12.95 -13.14
CA ASN B 110 13.49 14.08 -13.18
C ASN B 110 12.04 13.71 -13.50
N TYR B 111 11.83 12.65 -14.27
CA TYR B 111 10.49 12.24 -14.68
C TYR B 111 10.20 10.84 -14.19
N VAL B 112 8.91 10.56 -13.99
CA VAL B 112 8.41 9.21 -13.74
C VAL B 112 7.26 8.95 -14.70
N ALA B 113 6.93 7.67 -14.88
CA ALA B 113 5.90 7.27 -15.84
C ALA B 113 4.96 6.26 -15.20
N CYS B 114 3.71 6.27 -15.67
CA CYS B 114 2.70 5.34 -15.17
C CYS B 114 1.77 4.90 -16.30
N GLY B 115 1.18 3.72 -16.14
CA GLY B 115 0.25 3.19 -17.12
C GLY B 115 -0.60 2.09 -16.52
N GLY B 116 -1.77 1.90 -17.10
CA GLY B 116 -2.70 0.89 -16.63
C GLY B 116 -3.81 0.60 -17.61
N LEU B 117 -4.98 0.25 -17.08
CA LEU B 117 -6.12 -0.13 -17.90
C LEU B 117 -6.68 1.01 -18.75
N ASP B 118 -6.31 2.26 -18.44
CA ASP B 118 -6.86 3.40 -19.17
C ASP B 118 -6.25 3.59 -20.55
N ASN B 119 -5.24 2.79 -20.90
CA ASN B 119 -4.63 2.80 -22.23
C ASN B 119 -3.94 4.12 -22.57
N ILE B 120 -3.40 4.80 -21.55
CA ILE B 120 -2.66 6.04 -21.73
C ILE B 120 -1.43 5.98 -20.83
N CYS B 121 -0.32 6.51 -21.32
CA CYS B 121 0.93 6.58 -20.56
C CYS B 121 1.11 8.00 -20.04
N SER B 122 1.24 8.14 -18.72
CA SER B 122 1.33 9.45 -18.08
C SER B 122 2.76 9.71 -17.64
N ILE B 123 3.23 10.94 -17.90
CA ILE B 123 4.59 11.37 -17.56
C ILE B 123 4.49 12.47 -16.52
N TYR B 124 5.26 12.36 -15.45
CA TYR B 124 5.25 13.29 -14.32
C TYR B 124 6.62 13.91 -14.14
N ASN B 125 6.64 15.21 -13.88
CA ASN B 125 7.86 15.99 -13.71
C ASN B 125 8.08 16.31 -12.24
N LEU B 126 9.26 15.98 -11.73
CA LEU B 126 9.52 16.08 -10.29
C LEU B 126 10.18 17.39 -9.90
N LYS B 127 11.19 17.84 -10.65
CA LYS B 127 11.96 19.02 -10.28
C LYS B 127 11.41 20.24 -11.01
N THR B 128 10.66 21.07 -10.30
CA THR B 128 10.08 22.28 -10.84
C THR B 128 10.37 23.44 -9.90
N ARG B 129 10.06 24.66 -10.35
CA ARG B 129 10.22 25.84 -9.51
C ARG B 129 9.23 25.83 -8.37
N GLU B 130 7.93 25.86 -8.68
CA GLU B 130 6.92 25.64 -7.67
C GLU B 130 6.96 24.19 -7.19
N GLY B 131 6.73 23.99 -5.90
CA GLY B 131 7.04 22.73 -5.26
C GLY B 131 5.94 21.68 -5.29
N ASN B 132 5.59 21.19 -6.47
CA ASN B 132 4.65 20.07 -6.58
C ASN B 132 4.88 19.35 -7.90
N VAL B 133 4.60 18.05 -7.91
CA VAL B 133 4.73 17.25 -9.13
C VAL B 133 3.59 17.61 -10.09
N ARG B 134 3.90 17.58 -11.39
CA ARG B 134 2.95 17.99 -12.41
C ARG B 134 2.99 17.02 -13.58
N VAL B 135 1.86 16.97 -14.30
CA VAL B 135 1.79 16.16 -15.52
C VAL B 135 2.50 16.88 -16.66
N SER B 136 3.36 16.16 -17.36
CA SER B 136 4.08 16.72 -18.49
C SER B 136 3.61 16.20 -19.84
N ARG B 137 3.07 14.99 -19.90
CA ARG B 137 2.59 14.44 -21.17
C ARG B 137 1.68 13.26 -20.89
N GLU B 138 0.70 13.09 -21.79
CA GLU B 138 -0.26 11.98 -21.74
C GLU B 138 -0.26 11.31 -23.11
N LEU B 139 0.62 10.34 -23.30
CA LEU B 139 0.71 9.65 -24.57
C LEU B 139 -0.46 8.69 -24.75
N ALA B 140 -1.09 8.75 -25.92
CA ALA B 140 -2.24 7.92 -26.22
C ALA B 140 -2.16 7.45 -27.67
N GLY B 141 -2.85 6.36 -27.97
CA GLY B 141 -2.83 5.78 -29.28
C GLY B 141 -2.89 4.27 -29.28
N HIS B 142 -2.57 3.66 -28.13
CA HIS B 142 -2.69 2.21 -28.00
C HIS B 142 -4.15 1.82 -27.80
N THR B 143 -4.49 0.63 -28.29
CA THR B 143 -5.84 0.08 -28.14
C THR B 143 -5.72 -1.22 -27.35
N GLY B 144 -5.71 -1.10 -26.03
CA GLY B 144 -5.47 -2.23 -25.16
C GLY B 144 -4.66 -1.82 -23.94
N TYR B 145 -4.76 -2.60 -22.86
CA TYR B 145 -4.10 -2.22 -21.62
C TYR B 145 -2.59 -2.27 -21.76
N LEU B 146 -1.91 -1.30 -21.15
CA LEU B 146 -0.46 -1.26 -21.16
C LEU B 146 0.10 -2.23 -20.15
N SER B 147 1.17 -2.94 -20.52
CA SER B 147 1.75 -3.91 -19.60
C SER B 147 2.99 -3.36 -18.89
N CYS B 148 3.93 -2.80 -19.65
CA CYS B 148 5.15 -2.27 -19.06
C CYS B 148 5.65 -1.08 -19.87
N CYS B 149 6.39 -0.20 -19.20
CA CYS B 149 7.00 0.96 -19.82
C CYS B 149 8.41 1.15 -19.27
N ARG B 150 9.34 1.50 -20.14
CA ARG B 150 10.71 1.82 -19.72
C ARG B 150 11.22 3.02 -20.49
N PHE B 151 11.87 3.95 -19.78
CA PHE B 151 12.41 5.14 -20.39
C PHE B 151 13.67 4.83 -21.17
N LEU B 152 13.98 5.68 -22.14
CA LEU B 152 15.19 5.52 -22.96
C LEU B 152 16.19 6.64 -22.77
N ASP B 153 15.83 7.90 -23.07
CA ASP B 153 16.77 9.00 -22.97
C ASP B 153 16.13 10.29 -22.50
N ASP B 154 15.10 10.21 -21.65
CA ASP B 154 14.47 11.36 -21.01
C ASP B 154 13.63 12.12 -22.04
N ASN B 155 13.72 11.72 -23.30
CA ASN B 155 12.87 12.25 -24.35
C ASN B 155 12.25 11.19 -25.22
N GLN B 156 12.69 9.93 -25.11
CA GLN B 156 12.12 8.81 -25.83
C GLN B 156 11.64 7.76 -24.83
N ILE B 157 10.62 7.00 -25.24
CA ILE B 157 10.05 5.95 -24.41
C ILE B 157 9.61 4.80 -25.31
N VAL B 158 9.51 3.61 -24.71
CA VAL B 158 9.08 2.41 -25.41
C VAL B 158 8.02 1.71 -24.56
N THR B 159 6.92 1.31 -25.19
CA THR B 159 5.79 0.73 -24.48
C THR B 159 5.32 -0.55 -25.16
N SER B 160 4.68 -1.42 -24.37
CA SER B 160 4.13 -2.67 -24.84
C SER B 160 2.69 -2.81 -24.34
N SER B 161 1.79 -3.23 -25.22
CA SER B 161 0.38 -3.25 -24.86
C SER B 161 -0.29 -4.58 -25.13
N GLY B 162 -1.58 -4.67 -24.80
CA GLY B 162 -2.39 -5.85 -25.08
C GLY B 162 -2.97 -5.92 -26.46
N ASP B 163 -2.67 -4.94 -27.31
CA ASP B 163 -3.04 -4.96 -28.72
C ASP B 163 -2.04 -5.73 -29.57
N THR B 164 -1.23 -6.59 -28.94
CA THR B 164 -0.17 -7.34 -29.61
C THR B 164 0.82 -6.40 -30.29
N THR B 165 1.06 -5.24 -29.67
CA THR B 165 1.85 -4.19 -30.30
C THR B 165 2.80 -3.55 -29.30
N CYS B 166 3.98 -3.19 -29.80
CA CYS B 166 4.90 -2.32 -29.07
C CYS B 166 5.07 -1.03 -29.86
N ALA B 167 5.43 0.04 -29.16
CA ALA B 167 5.52 1.35 -29.77
C ALA B 167 6.71 2.11 -29.20
N LEU B 168 7.25 3.01 -30.02
CA LEU B 168 8.31 3.92 -29.61
C LEU B 168 7.85 5.35 -29.78
N TRP B 169 8.00 6.16 -28.73
CA TRP B 169 7.53 7.53 -28.72
C TRP B 169 8.66 8.50 -28.42
N ASP B 170 8.52 9.72 -28.91
CA ASP B 170 9.25 10.87 -28.40
C ASP B 170 8.26 11.71 -27.59
N ILE B 171 8.77 12.44 -26.60
CA ILE B 171 7.88 13.04 -25.60
C ILE B 171 7.50 14.47 -25.97
N GLU B 172 8.41 15.22 -26.60
CA GLU B 172 8.14 16.61 -26.93
C GLU B 172 6.89 16.72 -27.81
N THR B 173 6.93 16.14 -29.00
CA THR B 173 5.77 16.16 -29.89
C THR B 173 4.66 15.21 -29.44
N GLY B 174 5.00 14.16 -28.70
CA GLY B 174 4.00 13.22 -28.23
C GLY B 174 3.31 12.44 -29.33
N GLN B 175 4.08 11.93 -30.28
CA GLN B 175 3.55 11.15 -31.40
C GLN B 175 4.40 9.91 -31.60
N GLN B 176 3.76 8.84 -32.05
CA GLN B 176 4.49 7.59 -32.28
C GLN B 176 5.48 7.75 -33.42
N THR B 177 6.61 7.08 -33.29
CA THR B 177 7.64 7.11 -34.32
C THR B 177 7.73 5.78 -35.08
N THR B 178 7.84 4.67 -34.35
CA THR B 178 7.85 3.35 -34.97
C THR B 178 7.01 2.39 -34.14
N THR B 179 6.42 1.42 -34.84
CA THR B 179 5.51 0.43 -34.24
C THR B 179 6.01 -0.97 -34.58
N PHE B 180 5.97 -1.85 -33.57
CA PHE B 180 6.45 -3.21 -33.70
C PHE B 180 5.28 -4.18 -33.58
N THR B 181 5.09 -5.00 -34.61
CA THR B 181 4.00 -5.96 -34.72
C THR B 181 4.57 -7.29 -35.18
N GLY B 182 3.81 -8.36 -34.94
CA GLY B 182 4.27 -9.69 -35.25
C GLY B 182 3.96 -10.71 -34.19
N HIS B 183 3.20 -10.31 -33.17
CA HIS B 183 2.79 -11.19 -32.10
C HIS B 183 1.33 -11.58 -32.27
N THR B 184 1.03 -12.86 -32.07
CA THR B 184 -0.36 -13.31 -32.14
C THR B 184 -1.12 -12.96 -30.86
N GLY B 185 -0.61 -13.42 -29.72
CA GLY B 185 -1.16 -13.04 -28.44
C GLY B 185 -0.54 -11.77 -27.90
N ASP B 186 -1.16 -11.23 -26.86
CA ASP B 186 -0.73 -9.96 -26.28
C ASP B 186 0.59 -10.11 -25.54
N VAL B 187 1.46 -9.11 -25.72
CA VAL B 187 2.77 -9.08 -25.08
C VAL B 187 2.63 -8.51 -23.68
N MET B 188 3.39 -9.04 -22.72
CA MET B 188 3.25 -8.55 -21.35
C MET B 188 4.56 -8.23 -20.64
N SER B 189 5.68 -8.16 -21.35
CA SER B 189 6.93 -7.83 -20.66
C SER B 189 7.98 -7.45 -21.68
N LEU B 190 8.78 -6.44 -21.32
CA LEU B 190 9.93 -6.05 -22.12
C LEU B 190 11.02 -5.54 -21.19
N SER B 191 12.27 -5.84 -21.52
CA SER B 191 13.42 -5.40 -20.74
C SER B 191 14.48 -4.88 -21.71
N LEU B 192 14.80 -3.59 -21.60
CA LEU B 192 15.71 -2.95 -22.53
C LEU B 192 17.15 -3.38 -22.29
N ALA B 193 17.91 -3.48 -23.37
CA ALA B 193 19.32 -3.82 -23.29
C ALA B 193 20.10 -2.66 -22.70
N PRO B 194 21.25 -2.94 -22.07
CA PRO B 194 22.07 -1.85 -21.53
C PRO B 194 22.53 -0.85 -22.57
N ASP B 195 22.82 -1.29 -23.79
CA ASP B 195 23.26 -0.40 -24.86
C ASP B 195 22.12 0.34 -25.53
N THR B 196 20.88 0.04 -25.15
CA THR B 196 19.68 0.68 -25.71
C THR B 196 19.66 0.60 -27.24
N ARG B 197 20.11 -0.53 -27.77
CA ARG B 197 20.11 -0.79 -29.19
C ARG B 197 19.09 -1.84 -29.61
N LEU B 198 18.84 -2.85 -28.78
CA LEU B 198 17.85 -3.88 -29.05
C LEU B 198 16.99 -4.07 -27.81
N PHE B 199 15.77 -4.56 -28.01
CA PHE B 199 14.93 -4.87 -26.87
C PHE B 199 14.04 -6.08 -27.18
N VAL B 200 13.80 -6.90 -26.16
CA VAL B 200 13.10 -8.17 -26.32
C VAL B 200 11.75 -8.09 -25.64
N SER B 201 10.80 -8.88 -26.11
CA SER B 201 9.45 -8.89 -25.58
C SER B 201 8.88 -10.30 -25.60
N GLY B 202 8.15 -10.66 -24.55
CA GLY B 202 7.50 -11.96 -24.45
C GLY B 202 5.98 -11.79 -24.42
N ALA B 203 5.29 -12.67 -25.13
CA ALA B 203 3.85 -12.53 -25.31
C ALA B 203 3.11 -13.69 -24.64
N CYS B 204 1.79 -13.70 -24.83
CA CYS B 204 0.93 -14.72 -24.25
C CYS B 204 0.79 -15.95 -25.14
N ASP B 205 1.38 -15.94 -26.34
CA ASP B 205 1.37 -17.09 -27.22
C ASP B 205 2.62 -17.95 -27.06
N ALA B 206 3.25 -17.91 -25.89
CA ALA B 206 4.46 -18.68 -25.61
C ALA B 206 5.57 -18.38 -26.61
N SER B 207 5.73 -17.09 -26.95
CA SER B 207 6.74 -16.67 -27.90
C SER B 207 7.43 -15.41 -27.41
N ALA B 208 8.75 -15.38 -27.59
CA ALA B 208 9.56 -14.19 -27.30
C ALA B 208 10.19 -13.71 -28.60
N LYS B 209 10.48 -12.41 -28.68
CA LYS B 209 11.02 -11.84 -29.90
C LYS B 209 12.00 -10.73 -29.59
N LEU B 210 12.94 -10.54 -30.52
CA LEU B 210 13.90 -9.44 -30.50
C LEU B 210 13.44 -8.35 -31.45
N TRP B 211 13.65 -7.09 -31.08
CA TRP B 211 13.34 -5.97 -31.93
C TRP B 211 14.47 -4.95 -31.92
N ASP B 212 14.78 -4.43 -33.11
CA ASP B 212 15.69 -3.31 -33.26
C ASP B 212 14.94 -2.00 -33.00
N VAL B 213 15.59 -1.09 -32.28
CA VAL B 213 14.91 0.14 -31.83
C VAL B 213 14.80 1.20 -32.91
N ARG B 214 15.62 1.14 -33.96
CA ARG B 214 15.61 2.16 -35.01
C ARG B 214 14.95 1.66 -36.29
N GLU B 215 15.42 0.54 -36.84
CA GLU B 215 14.81 0.02 -38.06
C GLU B 215 13.41 -0.52 -37.81
N GLY B 216 13.10 -0.90 -36.57
CA GLY B 216 11.75 -1.30 -36.20
C GLY B 216 11.24 -2.56 -36.85
N MET B 217 12.07 -3.60 -36.95
CA MET B 217 11.66 -4.88 -37.49
C MET B 217 12.15 -6.01 -36.59
N CYS B 218 11.38 -7.09 -36.57
CA CYS B 218 11.75 -8.26 -35.79
C CYS B 218 13.01 -8.90 -36.37
N ARG B 219 13.86 -9.42 -35.48
CA ARG B 219 15.11 -10.04 -35.89
C ARG B 219 15.22 -11.51 -35.51
N GLN B 220 14.75 -11.89 -34.33
CA GLN B 220 14.84 -13.28 -33.88
C GLN B 220 13.56 -13.65 -33.12
N THR B 221 13.13 -14.89 -33.30
CA THR B 221 11.90 -15.41 -32.69
C THR B 221 12.25 -16.67 -31.91
N PHE B 222 11.81 -16.72 -30.65
CA PHE B 222 12.16 -17.80 -29.73
C PHE B 222 10.89 -18.44 -29.20
N THR B 223 10.90 -19.78 -29.13
CA THR B 223 9.77 -20.55 -28.64
C THR B 223 10.31 -21.71 -27.80
N GLY B 224 9.40 -22.44 -27.15
CA GLY B 224 9.79 -23.53 -26.28
C GLY B 224 8.91 -23.68 -25.06
N HIS B 225 8.00 -22.73 -24.86
CA HIS B 225 7.08 -22.76 -23.74
C HIS B 225 5.69 -23.19 -24.22
N GLU B 226 4.88 -23.69 -23.28
CA GLU B 226 3.52 -24.12 -23.56
C GLU B 226 2.48 -23.02 -23.29
N SER B 227 2.43 -22.54 -22.06
CA SER B 227 1.41 -21.60 -21.62
C SER B 227 1.90 -20.17 -21.89
N ASP B 228 1.25 -19.18 -21.27
CA ASP B 228 1.63 -17.79 -21.46
C ASP B 228 2.95 -17.49 -20.76
N ILE B 229 3.62 -16.44 -21.24
CA ILE B 229 4.87 -15.97 -20.64
C ILE B 229 4.58 -14.68 -19.88
N ASN B 230 4.99 -14.63 -18.61
CA ASN B 230 4.55 -13.57 -17.71
C ASN B 230 5.62 -12.54 -17.37
N ALA B 231 6.90 -12.88 -17.49
CA ALA B 231 7.95 -11.94 -17.13
C ALA B 231 9.18 -12.21 -17.98
N ILE B 232 10.02 -11.19 -18.12
CA ILE B 232 11.26 -11.28 -18.87
C ILE B 232 12.25 -10.28 -18.32
N CYS B 233 13.53 -10.62 -18.40
CA CYS B 233 14.60 -9.74 -17.93
C CYS B 233 15.83 -9.99 -18.77
N PHE B 234 16.73 -9.00 -18.80
CA PHE B 234 17.90 -9.04 -19.67
C PHE B 234 19.13 -9.33 -18.82
N PHE B 235 19.99 -10.20 -19.33
CA PHE B 235 21.25 -10.49 -18.66
C PHE B 235 22.14 -9.24 -18.68
N PRO B 236 22.94 -9.01 -17.63
CA PRO B 236 23.80 -7.81 -17.62
C PRO B 236 24.81 -7.77 -18.76
N ASN B 237 25.25 -8.93 -19.26
CA ASN B 237 26.20 -8.94 -20.37
C ASN B 237 25.60 -8.33 -21.63
N GLY B 238 24.33 -8.61 -21.88
CA GLY B 238 23.67 -8.15 -23.08
C GLY B 238 23.52 -9.19 -24.18
N ASN B 239 23.87 -10.44 -23.91
CA ASN B 239 23.82 -11.51 -24.91
C ASN B 239 22.92 -12.67 -24.50
N ALA B 240 22.08 -12.50 -23.50
CA ALA B 240 21.19 -13.57 -23.06
C ALA B 240 20.02 -12.94 -22.29
N PHE B 241 18.97 -13.74 -22.11
CA PHE B 241 17.85 -13.27 -21.31
C PHE B 241 17.06 -14.45 -20.76
N ALA B 242 16.35 -14.19 -19.66
CA ALA B 242 15.59 -15.21 -18.94
C ALA B 242 14.10 -14.90 -19.03
N THR B 243 13.29 -15.95 -19.06
CA THR B 243 11.85 -15.84 -19.23
C THR B 243 11.14 -16.65 -18.15
N GLY B 244 10.10 -16.06 -17.59
CA GLY B 244 9.25 -16.71 -16.60
C GLY B 244 7.90 -17.05 -17.21
N SER B 245 7.36 -18.20 -16.82
CA SER B 245 6.24 -18.82 -17.52
C SER B 245 5.04 -18.98 -16.59
N ASP B 246 3.86 -19.10 -17.20
CA ASP B 246 2.64 -19.28 -16.42
C ASP B 246 2.60 -20.66 -15.77
N ASP B 247 3.24 -21.66 -16.38
CA ASP B 247 3.50 -22.89 -15.66
C ASP B 247 4.74 -22.74 -14.79
N ALA B 248 4.99 -23.75 -13.95
CA ALA B 248 6.06 -23.67 -12.96
C ALA B 248 7.44 -23.93 -13.58
N THR B 249 7.77 -23.13 -14.59
CA THR B 249 9.05 -23.25 -15.27
C THR B 249 9.62 -21.88 -15.58
N CYS B 250 10.96 -21.80 -15.61
CA CYS B 250 11.68 -20.65 -16.10
C CYS B 250 12.71 -21.14 -17.11
N ARG B 251 13.12 -20.26 -18.02
CA ARG B 251 14.03 -20.66 -19.09
C ARG B 251 15.06 -19.58 -19.37
N LEU B 252 16.22 -19.99 -19.87
CA LEU B 252 17.28 -19.06 -20.23
C LEU B 252 17.64 -19.23 -21.70
N PHE B 253 17.71 -18.12 -22.44
CA PHE B 253 18.00 -18.12 -23.86
C PHE B 253 19.27 -17.32 -24.14
N ASP B 254 20.06 -17.80 -25.09
CA ASP B 254 21.19 -17.07 -25.65
C ASP B 254 20.77 -16.42 -26.98
N LEU B 255 21.56 -15.45 -27.41
CA LEU B 255 21.17 -14.61 -28.53
C LEU B 255 21.85 -15.00 -29.83
N ARG B 256 23.14 -15.34 -29.78
CA ARG B 256 23.84 -15.75 -30.99
C ARG B 256 23.53 -17.19 -31.37
N ALA B 257 22.88 -17.92 -30.47
CA ALA B 257 22.32 -19.25 -30.75
C ALA B 257 20.85 -19.20 -30.36
N ASP B 258 19.97 -19.49 -31.32
CA ASP B 258 18.55 -19.22 -31.11
C ASP B 258 17.92 -20.15 -30.09
N GLN B 259 18.49 -21.34 -29.88
CA GLN B 259 17.83 -22.30 -29.01
C GLN B 259 18.22 -22.07 -27.54
N GLU B 260 17.38 -22.61 -26.66
CA GLU B 260 17.49 -22.39 -25.24
C GLU B 260 18.67 -23.14 -24.64
N LEU B 261 19.04 -22.76 -23.42
CA LEU B 261 20.16 -23.34 -22.70
C LEU B 261 19.77 -24.16 -21.48
N MET B 262 18.92 -23.63 -20.61
CA MET B 262 18.59 -24.32 -19.37
C MET B 262 17.19 -23.94 -18.90
N THR B 263 16.57 -24.88 -18.19
CA THR B 263 15.25 -24.73 -17.62
C THR B 263 15.33 -24.86 -16.10
N TYR B 264 14.38 -24.21 -15.42
CA TYR B 264 14.29 -24.22 -13.97
C TYR B 264 12.88 -24.67 -13.58
N SER B 265 12.81 -25.81 -12.91
CA SER B 265 11.52 -26.37 -12.50
C SER B 265 11.75 -27.37 -11.37
N HIS B 266 10.66 -27.75 -10.71
CA HIS B 266 10.71 -28.73 -9.64
C HIS B 266 9.34 -29.37 -9.50
N ASP B 267 9.30 -30.51 -8.81
CA ASP B 267 8.07 -31.28 -8.71
C ASP B 267 7.05 -30.63 -7.79
N ASN B 268 7.51 -30.12 -6.63
CA ASN B 268 6.57 -29.63 -5.63
C ASN B 268 5.95 -28.30 -6.02
N ILE B 269 6.56 -27.58 -6.97
CA ILE B 269 6.04 -26.28 -7.37
C ILE B 269 5.12 -26.46 -8.58
N ILE B 270 3.89 -25.96 -8.47
CA ILE B 270 2.90 -26.14 -9.51
C ILE B 270 2.49 -24.79 -10.10
N CYS B 271 2.53 -23.75 -9.27
CA CYS B 271 2.04 -22.45 -9.71
C CYS B 271 3.08 -21.72 -10.54
N GLY B 272 2.66 -20.61 -11.14
CA GLY B 272 3.45 -19.90 -12.13
C GLY B 272 4.39 -18.87 -11.53
N ILE B 273 4.99 -18.08 -12.43
CA ILE B 273 5.98 -17.07 -12.08
C ILE B 273 5.42 -15.70 -12.43
N THR B 274 5.57 -14.75 -11.51
CA THR B 274 5.05 -13.41 -11.68
C THR B 274 6.11 -12.41 -12.14
N SER B 275 7.27 -12.40 -11.49
CA SER B 275 8.35 -11.48 -11.84
C SER B 275 9.68 -12.21 -11.81
N VAL B 276 10.65 -11.67 -12.54
CA VAL B 276 12.00 -12.24 -12.64
C VAL B 276 13.00 -11.11 -12.74
N SER B 277 14.11 -11.21 -12.01
CA SER B 277 15.18 -10.23 -12.09
C SER B 277 16.51 -10.94 -11.90
N PHE B 278 17.58 -10.25 -12.32
CA PHE B 278 18.93 -10.77 -12.27
C PHE B 278 19.79 -9.96 -11.30
N SER B 279 20.76 -10.65 -10.69
CA SER B 279 21.82 -9.96 -9.99
C SER B 279 22.82 -9.40 -11.00
N LYS B 280 23.67 -8.49 -10.53
CA LYS B 280 24.56 -7.79 -11.45
C LYS B 280 25.72 -8.69 -11.89
N SER B 281 26.12 -9.63 -11.05
CA SER B 281 27.20 -10.54 -11.45
C SER B 281 26.69 -11.63 -12.39
N GLY B 282 25.37 -11.77 -12.52
CA GLY B 282 24.80 -12.75 -13.42
C GLY B 282 24.74 -14.17 -12.90
N ARG B 283 25.08 -14.39 -11.63
CA ARG B 283 25.06 -15.75 -11.09
C ARG B 283 23.72 -16.09 -10.46
N LEU B 284 23.05 -15.13 -9.83
CA LEU B 284 21.81 -15.38 -9.11
C LEU B 284 20.62 -14.95 -9.96
N LEU B 285 19.53 -15.71 -9.87
CA LEU B 285 18.30 -15.45 -10.61
C LEU B 285 17.15 -15.47 -9.61
N LEU B 286 16.53 -14.32 -9.38
CA LEU B 286 15.47 -14.19 -8.39
C LEU B 286 14.11 -14.26 -9.08
N ALA B 287 13.17 -14.98 -8.47
CA ALA B 287 11.86 -15.15 -9.06
C ALA B 287 10.79 -15.06 -7.98
N GLY B 288 9.60 -14.59 -8.38
CA GLY B 288 8.45 -14.53 -7.49
C GLY B 288 7.37 -15.49 -7.98
N TYR B 289 6.78 -16.22 -7.04
CA TYR B 289 5.82 -17.26 -7.35
C TYR B 289 4.46 -16.95 -6.74
N ASP B 290 3.53 -17.88 -6.94
CA ASP B 290 2.19 -17.82 -6.34
C ASP B 290 2.11 -18.53 -5.00
N ASP B 291 3.20 -19.16 -4.55
CA ASP B 291 3.24 -19.85 -3.27
C ASP B 291 3.53 -18.90 -2.11
N PHE B 292 3.31 -17.59 -2.31
CA PHE B 292 3.45 -16.59 -1.27
C PHE B 292 4.90 -16.46 -0.80
N ASN B 293 5.86 -16.75 -1.67
CA ASN B 293 7.26 -16.61 -1.33
C ASN B 293 8.08 -16.42 -2.60
N CYS B 294 9.32 -15.97 -2.43
CA CYS B 294 10.25 -15.77 -3.53
C CYS B 294 11.33 -16.83 -3.49
N ASN B 295 11.95 -17.08 -4.64
CA ASN B 295 12.93 -18.14 -4.77
C ASN B 295 14.18 -17.60 -5.47
N VAL B 296 15.33 -18.18 -5.13
CA VAL B 296 16.60 -17.83 -5.73
C VAL B 296 17.19 -19.05 -6.40
N TRP B 297 17.58 -18.91 -7.68
CA TRP B 297 18.15 -19.98 -8.46
C TRP B 297 19.59 -19.65 -8.82
N ASP B 298 20.42 -20.69 -8.83
CA ASP B 298 21.77 -20.58 -9.37
C ASP B 298 21.68 -20.81 -10.88
N ALA B 299 21.96 -19.78 -11.66
CA ALA B 299 21.68 -19.82 -13.09
C ALA B 299 22.48 -20.91 -13.79
N LEU B 300 23.75 -21.08 -13.41
CA LEU B 300 24.62 -22.00 -14.13
C LEU B 300 24.33 -23.46 -13.77
N LYS B 301 23.60 -23.71 -12.69
CA LYS B 301 23.33 -25.08 -12.25
C LYS B 301 21.85 -25.41 -12.15
N ALA B 302 20.97 -24.41 -12.15
CA ALA B 302 19.52 -24.62 -12.12
C ALA B 302 19.06 -25.37 -10.87
N ASP B 303 19.70 -25.08 -9.74
CA ASP B 303 19.34 -25.69 -8.47
C ASP B 303 18.96 -24.62 -7.47
N ARG B 304 17.92 -24.88 -6.70
CA ARG B 304 17.47 -23.95 -5.68
C ARG B 304 18.55 -23.75 -4.63
N ALA B 305 18.72 -22.49 -4.19
CA ALA B 305 19.69 -22.17 -3.16
C ALA B 305 19.19 -21.14 -2.16
N GLY B 306 17.89 -20.86 -2.15
CA GLY B 306 17.36 -19.90 -1.20
C GLY B 306 15.88 -19.58 -1.38
N VAL B 307 15.16 -19.46 -0.28
CA VAL B 307 13.74 -19.13 -0.29
C VAL B 307 13.52 -17.95 0.64
N LEU B 308 12.87 -16.90 0.12
CA LEU B 308 12.52 -15.72 0.89
C LEU B 308 11.04 -15.80 1.23
N ALA B 309 10.73 -16.07 2.48
CA ALA B 309 9.38 -16.13 2.99
C ALA B 309 9.13 -14.95 3.92
N GLY B 310 7.85 -14.57 4.04
CA GLY B 310 7.50 -13.44 4.89
C GLY B 310 6.34 -12.62 4.36
N HIS B 311 5.91 -12.92 3.14
CA HIS B 311 4.72 -12.27 2.59
C HIS B 311 3.50 -13.17 2.79
N ASP B 312 2.36 -12.54 3.07
CA ASP B 312 1.13 -13.25 3.34
C ASP B 312 0.26 -13.39 2.11
N ASN B 313 0.74 -12.97 0.94
CA ASN B 313 -0.03 -13.07 -0.29
C ASN B 313 0.94 -13.17 -1.46
N ARG B 314 0.42 -13.04 -2.68
CA ARG B 314 1.22 -13.24 -3.88
C ARG B 314 2.27 -12.14 -4.03
N VAL B 315 3.49 -12.55 -4.35
CA VAL B 315 4.55 -11.60 -4.61
C VAL B 315 4.39 -11.03 -6.01
N SER B 316 4.15 -9.72 -6.09
CA SER B 316 3.78 -9.10 -7.37
C SER B 316 4.96 -8.45 -8.07
N CYS B 317 5.86 -7.81 -7.33
CA CYS B 317 6.96 -7.08 -7.94
C CYS B 317 8.27 -7.40 -7.22
N LEU B 318 9.36 -7.41 -7.99
CA LEU B 318 10.68 -7.77 -7.50
C LEU B 318 11.74 -6.97 -8.25
N GLY B 319 12.71 -6.42 -7.53
CA GLY B 319 13.71 -5.57 -8.16
C GLY B 319 15.03 -5.60 -7.44
N VAL B 320 16.08 -5.22 -8.18
CA VAL B 320 17.45 -5.22 -7.68
C VAL B 320 18.08 -3.87 -7.99
N THR B 321 18.90 -3.37 -7.06
CA THR B 321 19.53 -2.07 -7.21
C THR B 321 20.63 -2.12 -8.28
N ASP B 322 21.09 -0.92 -8.67
CA ASP B 322 22.16 -0.83 -9.67
C ASP B 322 23.49 -1.31 -9.11
N ASP B 323 23.75 -1.04 -7.84
CA ASP B 323 24.97 -1.52 -7.20
C ASP B 323 24.80 -2.89 -6.57
N GLY B 324 23.60 -3.45 -6.62
CA GLY B 324 23.37 -4.82 -6.13
C GLY B 324 23.54 -4.99 -4.63
N MET B 325 23.14 -4.00 -3.84
CA MET B 325 23.29 -4.07 -2.40
C MET B 325 22.03 -4.52 -1.68
N ALA B 326 20.86 -4.37 -2.28
CA ALA B 326 19.61 -4.75 -1.62
C ALA B 326 18.64 -5.28 -2.67
N VAL B 327 17.64 -6.02 -2.19
CA VAL B 327 16.59 -6.57 -3.06
C VAL B 327 15.25 -6.08 -2.55
N ALA B 328 14.43 -5.55 -3.45
CA ALA B 328 13.12 -5.01 -3.09
C ALA B 328 12.03 -5.97 -3.55
N THR B 329 11.06 -6.22 -2.67
CA THR B 329 9.97 -7.14 -2.95
C THR B 329 8.65 -6.55 -2.49
N GLY B 330 7.63 -6.69 -3.33
CA GLY B 330 6.31 -6.18 -3.03
C GLY B 330 5.20 -7.16 -3.37
N SER B 331 4.27 -7.35 -2.43
CA SER B 331 3.21 -8.34 -2.55
C SER B 331 1.84 -7.66 -2.47
N TRP B 332 0.80 -8.48 -2.43
CA TRP B 332 -0.57 -8.01 -2.42
C TRP B 332 -1.09 -7.69 -1.02
N ASP B 333 -0.28 -7.89 0.01
CA ASP B 333 -0.67 -7.58 1.38
C ASP B 333 -0.44 -6.12 1.75
N SER B 334 -0.24 -5.25 0.76
CA SER B 334 -0.04 -3.82 0.97
C SER B 334 1.23 -3.55 1.77
N PHE B 335 2.33 -4.14 1.33
CA PHE B 335 3.60 -3.98 2.03
C PHE B 335 4.74 -4.03 1.03
N LEU B 336 5.87 -3.46 1.45
CA LEU B 336 7.11 -3.46 0.69
C LEU B 336 8.24 -3.88 1.62
N LYS B 337 9.21 -4.59 1.08
CA LYS B 337 10.29 -5.09 1.93
C LYS B 337 11.62 -4.98 1.20
N ILE B 338 12.67 -4.72 1.98
CA ILE B 338 14.03 -4.60 1.48
C ILE B 338 14.88 -5.63 2.20
N TRP B 339 15.44 -6.57 1.44
CA TRP B 339 16.18 -7.69 1.98
C TRP B 339 17.66 -7.52 1.66
N ASN B 340 18.50 -7.92 2.62
CA ASN B 340 19.94 -7.92 2.40
C ASN B 340 20.56 -8.87 3.40
N GLY B 341 21.50 -9.69 2.95
CA GLY B 341 22.13 -10.66 3.82
C GLY B 341 23.09 -10.03 4.80
N SER B 342 23.37 -10.78 5.87
CA SER B 342 24.31 -10.33 6.89
C SER B 342 25.57 -11.18 6.85
N SER B 343 26.68 -10.59 7.28
CA SER B 343 27.95 -11.28 7.31
C SER B 343 28.24 -11.85 8.70
N THR C 6 -8.49 -11.64 -49.78
CA THR C 6 -7.09 -11.93 -50.03
C THR C 6 -6.22 -11.54 -48.85
N ALA C 7 -6.87 -11.18 -47.73
CA ALA C 7 -6.14 -10.81 -46.53
C ALA C 7 -5.31 -11.97 -46.01
N SER C 8 -5.88 -13.18 -46.03
CA SER C 8 -5.12 -14.36 -45.62
C SER C 8 -3.90 -14.58 -46.50
N ILE C 9 -4.08 -14.43 -47.82
CA ILE C 9 -2.94 -14.53 -48.74
C ILE C 9 -1.90 -13.49 -48.41
N ALA C 10 -2.34 -12.27 -48.10
CA ALA C 10 -1.42 -11.19 -47.76
C ALA C 10 -0.59 -11.55 -46.53
N GLN C 11 -1.25 -11.94 -45.44
CA GLN C 11 -0.50 -12.20 -44.21
C GLN C 11 0.39 -13.41 -44.37
N ALA C 12 -0.04 -14.39 -45.18
CA ALA C 12 0.83 -15.53 -45.47
C ALA C 12 2.07 -15.08 -46.23
N ARG C 13 1.92 -14.15 -47.17
CA ARG C 13 3.07 -13.63 -47.90
C ARG C 13 4.04 -12.91 -46.97
N LYS C 14 3.52 -12.08 -46.06
CA LYS C 14 4.39 -11.44 -45.09
C LYS C 14 5.08 -12.46 -44.19
N LEU C 15 4.36 -13.50 -43.77
CA LEU C 15 4.97 -14.51 -42.92
C LEU C 15 6.09 -15.24 -43.66
N VAL C 16 5.87 -15.55 -44.94
CA VAL C 16 6.89 -16.22 -45.73
C VAL C 16 8.13 -15.32 -45.87
N GLU C 17 7.92 -14.05 -46.16
CA GLU C 17 9.06 -13.14 -46.29
C GLU C 17 9.80 -13.00 -44.96
N GLN C 18 9.07 -12.95 -43.85
CA GLN C 18 9.70 -12.87 -42.54
C GLN C 18 10.53 -14.12 -42.26
N LEU C 19 10.00 -15.30 -42.58
CA LEU C 19 10.79 -16.51 -42.40
C LEU C 19 12.01 -16.50 -43.29
N LYS C 20 11.91 -15.87 -44.47
CA LYS C 20 13.07 -15.75 -45.34
C LYS C 20 14.15 -14.88 -44.71
N MET C 21 13.77 -13.74 -44.13
CA MET C 21 14.79 -12.89 -43.49
C MET C 21 15.40 -13.57 -42.27
N GLU C 22 14.58 -14.22 -41.45
CA GLU C 22 15.13 -14.95 -40.30
C GLU C 22 15.94 -16.16 -40.73
N ALA C 23 15.76 -16.63 -41.97
CA ALA C 23 16.53 -17.78 -42.44
C ALA C 23 18.01 -17.47 -42.55
N ASN C 24 18.36 -16.31 -43.12
CA ASN C 24 19.75 -15.97 -43.38
C ASN C 24 20.33 -15.18 -42.20
N ILE C 25 20.71 -15.92 -41.17
CA ILE C 25 21.30 -15.36 -39.96
C ILE C 25 22.50 -16.21 -39.57
N ASP C 26 23.62 -15.56 -39.25
CA ASP C 26 24.80 -16.28 -38.81
C ASP C 26 24.57 -16.91 -37.44
N ARG C 27 24.99 -18.15 -37.27
CA ARG C 27 24.82 -18.89 -36.03
C ARG C 27 26.13 -19.56 -35.65
N ILE C 28 26.25 -19.92 -34.37
CA ILE C 28 27.46 -20.53 -33.85
C ILE C 28 27.10 -21.37 -32.63
N LYS C 29 27.83 -22.47 -32.45
CA LYS C 29 27.50 -23.48 -31.45
C LYS C 29 27.46 -22.89 -30.04
N VAL C 30 26.73 -23.57 -29.15
CA VAL C 30 26.44 -23.01 -27.83
C VAL C 30 27.53 -23.25 -26.81
N SER C 31 28.53 -24.08 -27.11
CA SER C 31 29.62 -24.27 -26.18
C SER C 31 30.35 -22.96 -25.91
N LYS C 32 30.65 -22.20 -26.97
CA LYS C 32 31.32 -20.92 -26.80
C LYS C 32 30.41 -19.93 -26.08
N ALA C 33 29.10 -19.99 -26.33
CA ALA C 33 28.18 -19.08 -25.66
C ALA C 33 28.14 -19.36 -24.16
N ALA C 34 28.09 -20.63 -23.78
CA ALA C 34 28.13 -20.99 -22.37
C ALA C 34 29.46 -20.59 -21.74
N ALA C 35 30.56 -20.78 -22.48
CA ALA C 35 31.86 -20.38 -21.97
C ALA C 35 31.92 -18.88 -21.72
N ASP C 36 31.41 -18.08 -22.67
CA ASP C 36 31.40 -16.63 -22.51
C ASP C 36 30.53 -16.21 -21.33
N LEU C 37 29.34 -16.80 -21.20
CA LEU C 37 28.45 -16.44 -20.10
C LEU C 37 29.09 -16.76 -18.74
N MET C 38 29.68 -17.95 -18.62
CA MET C 38 30.32 -18.31 -17.36
C MET C 38 31.57 -17.47 -17.10
N ALA C 39 32.30 -17.09 -18.15
CA ALA C 39 33.45 -16.21 -17.98
C ALA C 39 33.02 -14.85 -17.47
N TYR C 40 31.92 -14.31 -18.01
CA TYR C 40 31.41 -13.04 -17.50
C TYR C 40 30.95 -13.16 -16.06
N CYS C 41 30.29 -14.28 -15.73
CA CYS C 41 29.86 -14.49 -14.34
C CYS C 41 31.05 -14.55 -13.40
N GLU C 42 32.15 -15.18 -13.82
CA GLU C 42 33.34 -15.24 -13.00
C GLU C 42 34.09 -13.91 -12.99
N ALA C 43 33.84 -13.06 -13.99
CA ALA C 43 34.57 -11.80 -14.09
C ALA C 43 34.22 -10.85 -12.95
N HIS C 44 32.94 -10.73 -12.62
CA HIS C 44 32.49 -9.83 -11.57
C HIS C 44 32.09 -10.57 -10.30
N ALA C 45 32.55 -11.81 -10.13
CA ALA C 45 32.19 -12.57 -8.95
C ALA C 45 32.88 -12.03 -7.69
N LYS C 46 33.86 -11.14 -7.86
CA LYS C 46 34.57 -10.60 -6.69
C LYS C 46 33.68 -9.65 -5.92
N GLU C 47 33.24 -8.56 -6.54
CA GLU C 47 32.50 -7.50 -5.86
C GLU C 47 30.98 -7.69 -5.95
N ASP C 48 30.52 -8.89 -5.60
CA ASP C 48 29.10 -9.19 -5.59
C ASP C 48 28.57 -9.11 -4.16
N PRO C 49 27.73 -8.13 -3.82
CA PRO C 49 27.28 -8.00 -2.44
C PRO C 49 26.27 -9.06 -2.00
N LEU C 50 25.33 -9.43 -2.87
CA LEU C 50 24.35 -10.46 -2.50
C LEU C 50 24.94 -11.86 -2.53
N LEU C 51 26.16 -12.02 -3.04
CA LEU C 51 26.82 -13.32 -3.09
C LEU C 51 27.89 -13.46 -2.02
N THR C 52 28.79 -12.46 -1.88
CA THR C 52 29.88 -12.44 -0.92
C THR C 52 29.52 -11.57 0.29
N PRO C 53 30.07 -11.89 1.46
CA PRO C 53 29.74 -11.10 2.65
C PRO C 53 30.23 -9.67 2.55
N VAL C 54 29.53 -8.78 3.25
CA VAL C 54 29.85 -7.35 3.28
C VAL C 54 30.01 -6.94 4.74
N PRO C 55 31.02 -6.14 5.08
CA PRO C 55 31.16 -5.69 6.47
C PRO C 55 29.96 -4.89 6.94
N ALA C 56 29.62 -5.04 8.22
CA ALA C 56 28.43 -4.41 8.76
C ALA C 56 28.55 -2.89 8.76
N SER C 57 29.75 -2.36 9.02
CA SER C 57 29.93 -0.92 9.02
C SER C 57 29.67 -0.32 7.65
N GLU C 58 30.09 -1.02 6.59
CA GLU C 58 29.92 -0.49 5.24
C GLU C 58 28.46 -0.49 4.81
N ASN C 59 27.69 -1.52 5.19
CA ASN C 59 26.33 -1.76 4.72
C ASN C 59 25.42 -0.55 4.86
N PRO C 60 24.85 -0.06 3.75
CA PRO C 60 23.93 1.08 3.83
C PRO C 60 22.78 0.87 4.79
N PHE C 61 22.22 -0.34 4.82
CA PHE C 61 20.99 -0.60 5.56
C PHE C 61 21.24 -1.11 6.96
N ARG C 62 22.48 -1.30 7.37
CA ARG C 62 22.78 -1.79 8.71
C ARG C 62 23.74 -0.85 9.44
N ILE D 540 -20.84 -36.27 54.93
CA ILE D 540 -20.45 -36.03 53.55
C ILE D 540 -19.42 -37.05 53.09
N PRO D 541 -19.77 -37.87 52.10
CA PRO D 541 -18.81 -38.85 51.57
C PRO D 541 -17.62 -38.16 50.93
N ILE D 542 -16.47 -38.83 51.00
CA ILE D 542 -15.23 -38.25 50.45
C ILE D 542 -15.15 -38.47 48.95
N GLN D 543 -15.86 -39.48 48.42
CA GLN D 543 -15.79 -39.77 47.00
C GLN D 543 -16.30 -38.62 46.16
N LEU D 544 -17.42 -38.01 46.57
CA LEU D 544 -17.92 -36.83 45.88
C LEU D 544 -16.90 -35.69 45.92
N THR D 545 -16.26 -35.52 47.08
CA THR D 545 -15.28 -34.45 47.23
C THR D 545 -14.12 -34.63 46.26
N VAL D 546 -13.57 -35.85 46.15
CA VAL D 546 -12.43 -36.05 45.25
C VAL D 546 -12.87 -36.00 43.80
N PHE D 547 -14.10 -36.45 43.50
CA PHE D 547 -14.60 -36.38 42.13
C PHE D 547 -14.70 -34.93 41.66
N PHE D 548 -15.26 -34.06 42.50
CA PHE D 548 -15.31 -32.66 42.11
C PHE D 548 -13.95 -31.98 42.21
N MET D 549 -13.06 -32.47 43.09
CA MET D 549 -11.65 -32.08 43.03
C MET D 549 -11.09 -32.22 41.62
N ILE D 550 -11.12 -33.44 41.08
CA ILE D 550 -10.51 -33.66 39.77
C ILE D 550 -11.28 -32.91 38.69
N ILE D 551 -12.60 -32.79 38.83
CA ILE D 551 -13.37 -32.02 37.85
C ILE D 551 -12.88 -30.57 37.80
N TYR D 552 -12.77 -29.92 38.97
CA TYR D 552 -12.33 -28.54 39.01
C TYR D 552 -10.90 -28.38 38.52
N VAL D 553 -10.03 -29.34 38.84
CA VAL D 553 -8.64 -29.26 38.39
C VAL D 553 -8.58 -29.31 36.86
N LEU D 554 -9.32 -30.25 36.25
CA LEU D 554 -9.30 -30.35 34.80
C LEU D 554 -9.89 -29.10 34.15
N GLU D 555 -10.96 -28.56 34.75
CA GLU D 555 -11.54 -27.32 34.23
C GLU D 555 -10.51 -26.18 34.25
N SER D 556 -9.78 -26.05 35.36
CA SER D 556 -8.79 -24.99 35.48
C SER D 556 -7.68 -25.14 34.45
N LEU D 557 -7.17 -26.37 34.28
CA LEU D 557 -6.11 -26.54 33.29
C LEU D 557 -6.61 -26.26 31.87
N THR D 558 -7.85 -26.67 31.57
CA THR D 558 -8.39 -26.41 30.24
C THR D 558 -8.53 -24.91 29.97
N ILE D 559 -9.07 -24.15 30.91
CA ILE D 559 -9.22 -22.72 30.68
C ILE D 559 -7.85 -22.04 30.56
N ILE D 560 -6.88 -22.50 31.36
CA ILE D 560 -5.54 -21.92 31.29
C ILE D 560 -4.92 -22.16 29.91
N VAL D 561 -5.02 -23.38 29.40
CA VAL D 561 -4.40 -23.67 28.11
C VAL D 561 -5.12 -22.94 26.98
N GLN D 562 -6.44 -22.81 27.07
CA GLN D 562 -7.17 -22.03 26.08
C GLN D 562 -6.68 -20.58 26.06
N SER D 563 -6.54 -19.98 27.25
CA SER D 563 -6.06 -18.60 27.32
C SER D 563 -4.64 -18.47 26.75
N SER D 564 -3.79 -19.45 27.06
CA SER D 564 -2.42 -19.41 26.54
C SER D 564 -2.41 -19.48 25.02
N LEU D 565 -3.23 -20.35 24.44
CA LEU D 565 -3.27 -20.48 22.99
C LEU D 565 -3.72 -19.18 22.34
N ILE D 566 -4.81 -18.59 22.85
CA ILE D 566 -5.34 -17.39 22.20
C ILE D 566 -4.36 -16.24 22.35
N VAL D 567 -3.74 -16.08 23.53
CA VAL D 567 -2.79 -14.98 23.70
C VAL D 567 -1.61 -15.16 22.76
N ALA D 568 -1.11 -16.40 22.61
CA ALA D 568 0.03 -16.63 21.72
C ALA D 568 -0.31 -16.24 20.29
N VAL D 569 -1.42 -16.76 19.76
CA VAL D 569 -1.72 -16.52 18.34
C VAL D 569 -2.00 -15.03 18.11
N LEU D 570 -2.78 -14.40 19.00
CA LEU D 570 -3.12 -13.00 18.78
C LEU D 570 -1.91 -12.09 18.94
N GLY D 571 -1.01 -12.39 19.88
CA GLY D 571 0.21 -11.61 19.98
C GLY D 571 1.09 -11.73 18.76
N ARG D 572 1.21 -12.95 18.22
CA ARG D 572 1.98 -13.14 17.00
C ARG D 572 1.39 -12.32 15.86
N GLU D 573 0.06 -12.36 15.70
CA GLU D 573 -0.58 -11.58 14.64
C GLU D 573 -0.35 -10.09 14.83
N TRP D 574 -0.52 -9.59 16.06
CA TRP D 574 -0.36 -8.16 16.31
C TRP D 574 1.07 -7.72 16.03
N LEU D 575 2.06 -8.51 16.45
CA LEU D 575 3.44 -8.15 16.19
C LEU D 575 3.77 -8.17 14.70
N GLN D 576 3.22 -9.13 13.96
CA GLN D 576 3.59 -9.25 12.55
C GLN D 576 2.91 -8.20 11.69
N VAL D 577 1.65 -7.86 11.98
CA VAL D 577 0.90 -7.00 11.08
C VAL D 577 0.88 -5.54 11.50
N ARG D 578 1.22 -5.22 12.75
CA ARG D 578 1.22 -3.87 13.30
C ARG D 578 -0.16 -3.23 13.33
N ARG D 579 -1.22 -4.01 13.10
CA ARG D 579 -2.58 -3.49 13.14
C ARG D 579 -3.53 -4.66 13.26
N LEU D 580 -4.49 -4.56 14.18
CA LEU D 580 -5.47 -5.61 14.41
C LEU D 580 -6.87 -5.01 14.50
N MET D 581 -7.85 -5.78 14.07
CA MET D 581 -9.24 -5.39 14.23
C MET D 581 -9.62 -5.38 15.71
N PRO D 582 -10.59 -4.54 16.10
CA PRO D 582 -10.85 -4.36 17.54
C PRO D 582 -11.29 -5.62 18.27
N VAL D 583 -11.97 -6.53 17.59
CA VAL D 583 -12.47 -7.72 18.26
C VAL D 583 -11.32 -8.56 18.79
N ASP D 584 -10.18 -8.59 18.08
CA ASP D 584 -9.01 -9.29 18.59
C ASP D 584 -8.44 -8.60 19.82
N MET D 585 -8.47 -7.26 19.86
CA MET D 585 -8.01 -6.56 21.05
C MET D 585 -8.88 -6.89 22.26
N ILE D 586 -10.19 -6.93 22.08
CA ILE D 586 -11.06 -7.27 23.20
C ILE D 586 -10.83 -8.72 23.62
N LEU D 587 -10.64 -9.62 22.65
CA LEU D 587 -10.39 -11.02 22.97
C LEU D 587 -9.09 -11.18 23.75
N ILE D 588 -8.04 -10.45 23.36
CA ILE D 588 -6.76 -10.60 24.05
C ILE D 588 -6.83 -10.01 25.46
N SER D 589 -7.55 -8.89 25.63
CA SER D 589 -7.74 -8.34 26.97
C SER D 589 -8.47 -9.34 27.86
N LEU D 590 -9.55 -9.92 27.36
CA LEU D 590 -10.28 -10.92 28.13
C LEU D 590 -9.41 -12.14 28.42
N GLY D 591 -8.56 -12.54 27.47
CA GLY D 591 -7.69 -13.68 27.70
C GLY D 591 -6.70 -13.46 28.83
N ILE D 592 -6.05 -12.29 28.85
CA ILE D 592 -5.11 -12.03 29.94
C ILE D 592 -5.86 -11.91 31.27
N SER D 593 -7.07 -11.33 31.26
CA SER D 593 -7.85 -11.26 32.50
C SER D 593 -8.16 -12.65 33.03
N ARG D 594 -8.57 -13.56 32.15
CA ARG D 594 -8.86 -14.92 32.57
C ARG D 594 -7.59 -15.62 33.08
N PHE D 595 -6.46 -15.36 32.41
CA PHE D 595 -5.19 -15.94 32.83
C PHE D 595 -4.87 -15.56 34.28
N CYS D 596 -5.04 -14.27 34.61
CA CYS D 596 -4.80 -13.85 35.99
C CYS D 596 -5.82 -14.47 36.95
N LEU D 597 -7.10 -14.42 36.59
CA LEU D 597 -8.15 -14.84 37.51
C LEU D 597 -8.08 -16.31 37.84
N GLN D 598 -7.70 -17.16 36.88
CA GLN D 598 -7.68 -18.59 37.15
C GLN D 598 -6.64 -18.96 38.21
N TRP D 599 -5.42 -18.45 38.07
CA TRP D 599 -4.39 -18.72 39.08
C TRP D 599 -4.76 -18.10 40.41
N ALA D 600 -5.33 -16.88 40.40
CA ALA D 600 -5.78 -16.28 41.65
C ALA D 600 -6.77 -17.18 42.37
N SER D 601 -7.77 -17.67 41.64
CA SER D 601 -8.78 -18.53 42.23
C SER D 601 -8.18 -19.83 42.74
N MET D 602 -7.27 -20.45 41.96
CA MET D 602 -6.69 -21.72 42.38
C MET D 602 -5.94 -21.57 43.70
N LEU D 603 -5.08 -20.55 43.79
CA LEU D 603 -4.34 -20.34 45.02
C LEU D 603 -5.29 -20.03 46.17
N ASN D 604 -6.36 -19.26 45.91
CA ASN D 604 -7.32 -18.95 46.95
C ASN D 604 -8.00 -20.20 47.50
N ASN D 605 -8.47 -21.08 46.60
CA ASN D 605 -9.14 -22.30 47.06
C ASN D 605 -8.19 -23.19 47.84
N PHE D 606 -6.95 -23.35 47.34
CA PHE D 606 -5.99 -24.18 48.07
C PHE D 606 -5.76 -23.63 49.47
N CYS D 607 -5.48 -22.34 49.58
CA CYS D 607 -5.19 -21.74 50.88
C CYS D 607 -6.39 -21.82 51.82
N SER D 608 -7.59 -21.57 51.29
CA SER D 608 -8.77 -21.50 52.15
C SER D 608 -9.23 -22.87 52.59
N TYR D 609 -9.04 -23.90 51.75
CA TYR D 609 -9.51 -25.24 52.13
C TYR D 609 -8.47 -25.96 52.98
N PHE D 610 -7.23 -26.05 52.49
CA PHE D 610 -6.23 -26.83 53.20
C PHE D 610 -5.88 -26.22 54.56
N ASN D 611 -6.00 -24.90 54.70
CA ASN D 611 -5.73 -24.20 55.94
C ASN D 611 -4.31 -24.46 56.45
N LEU D 612 -3.39 -24.71 55.52
CA LEU D 612 -1.99 -24.99 55.85
C LEU D 612 -1.15 -23.76 55.57
N ASN D 613 -0.42 -23.30 56.58
CA ASN D 613 0.47 -22.14 56.47
C ASN D 613 -0.32 -20.92 55.98
N TYR D 614 -1.22 -20.44 56.84
CA TYR D 614 -2.08 -19.32 56.49
C TYR D 614 -1.25 -18.06 56.26
N VAL D 615 -1.14 -17.66 55.01
CA VAL D 615 -0.32 -16.53 54.57
C VAL D 615 -1.17 -15.66 53.66
N LEU D 616 -0.53 -14.71 52.98
CA LEU D 616 -1.21 -13.78 52.08
C LEU D 616 -2.03 -14.48 50.99
N CYS D 617 -1.96 -15.80 50.93
CA CYS D 617 -2.72 -16.58 49.95
C CYS D 617 -4.21 -16.23 49.94
N ASN D 618 -4.73 -15.58 51.00
CA ASN D 618 -6.12 -15.13 50.98
C ASN D 618 -6.24 -13.92 50.07
N LEU D 619 -6.07 -14.12 48.76
CA LEU D 619 -6.04 -13.05 47.79
C LEU D 619 -7.45 -12.81 47.25
N THR D 620 -8.12 -11.79 47.77
CA THR D 620 -9.45 -11.42 47.30
C THR D 620 -9.46 -10.15 46.46
N ILE D 621 -8.53 -9.23 46.73
CA ILE D 621 -8.51 -7.96 46.00
C ILE D 621 -8.21 -8.19 44.53
N THR D 622 -7.25 -9.06 44.23
CA THR D 622 -6.95 -9.41 42.84
C THR D 622 -8.16 -10.04 42.17
N TRP D 623 -8.85 -10.94 42.88
CA TRP D 623 -10.05 -11.57 42.34
C TRP D 623 -11.08 -10.52 41.94
N GLU D 624 -11.39 -9.60 42.85
CA GLU D 624 -12.39 -8.57 42.55
C GLU D 624 -11.95 -7.69 41.40
N PHE D 625 -10.68 -7.27 41.40
CA PHE D 625 -10.18 -6.41 40.34
C PHE D 625 -10.33 -7.08 38.98
N PHE D 626 -9.88 -8.33 38.87
CA PHE D 626 -9.92 -9.01 37.57
C PHE D 626 -11.35 -9.33 37.15
N ASN D 627 -12.22 -9.67 38.11
CA ASN D 627 -13.61 -9.94 37.77
C ASN D 627 -14.28 -8.70 37.19
N ILE D 628 -14.07 -7.53 37.82
CA ILE D 628 -14.64 -6.31 37.27
C ILE D 628 -14.04 -6.00 35.91
N LEU D 629 -12.74 -6.30 35.73
CA LEU D 629 -12.11 -6.11 34.43
C LEU D 629 -12.79 -6.95 33.35
N THR D 630 -13.05 -8.23 33.64
CA THR D 630 -13.72 -9.09 32.67
C THR D 630 -15.13 -8.59 32.38
N PHE D 631 -15.85 -8.14 33.41
CA PHE D 631 -17.19 -7.62 33.18
C PHE D 631 -17.17 -6.44 32.21
N TRP D 632 -16.28 -5.47 32.46
CA TRP D 632 -16.21 -4.31 31.58
C TRP D 632 -15.77 -4.70 30.17
N LEU D 633 -14.84 -5.65 30.06
CA LEU D 633 -14.39 -6.07 28.74
C LEU D 633 -15.51 -6.72 27.95
N ASN D 634 -16.32 -7.58 28.60
CA ASN D 634 -17.45 -8.19 27.92
C ASN D 634 -18.46 -7.15 27.49
N SER D 635 -18.72 -6.15 28.34
CA SER D 635 -19.64 -5.08 27.96
C SER D 635 -19.12 -4.33 26.73
N LEU D 636 -17.82 -4.06 26.69
CA LEU D 636 -17.23 -3.39 25.54
C LEU D 636 -17.36 -4.23 24.28
N LEU D 637 -17.14 -5.54 24.39
CA LEU D 637 -17.29 -6.41 23.24
C LEU D 637 -18.72 -6.37 22.69
N THR D 638 -19.71 -6.43 23.59
CA THR D 638 -21.09 -6.42 23.14
C THR D 638 -21.46 -5.09 22.49
N VAL D 639 -20.98 -3.97 23.06
CA VAL D 639 -21.30 -2.68 22.45
C VAL D 639 -20.58 -2.53 21.11
N PHE D 640 -19.40 -3.13 20.96
CA PHE D 640 -18.74 -3.13 19.65
C PHE D 640 -19.57 -3.92 18.64
N TYR D 641 -20.07 -5.08 19.03
CA TYR D 641 -20.96 -5.84 18.16
C TYR D 641 -22.14 -5.00 17.74
N CYS D 642 -22.73 -4.27 18.69
CA CYS D 642 -23.90 -3.45 18.38
C CYS D 642 -23.56 -2.35 17.39
N ILE D 643 -22.43 -1.66 17.59
CA ILE D 643 -22.14 -0.49 16.77
C ILE D 643 -21.69 -0.89 15.37
N LYS D 644 -20.87 -1.94 15.24
CA LYS D 644 -20.31 -2.28 13.94
C LYS D 644 -21.38 -2.78 12.98
N VAL D 645 -22.22 -3.72 13.43
CA VAL D 645 -23.26 -4.27 12.59
C VAL D 645 -24.32 -3.24 12.21
N SER D 646 -24.56 -2.26 13.07
CA SER D 646 -25.64 -1.30 12.87
C SER D 646 -25.52 -0.62 11.51
N SER D 647 -26.64 -0.53 10.81
CA SER D 647 -26.68 0.01 9.45
C SER D 647 -26.80 1.52 9.40
N PHE D 648 -26.93 2.18 10.55
CA PHE D 648 -27.05 3.63 10.56
C PHE D 648 -25.77 4.28 10.03
N THR D 649 -25.92 5.24 9.12
CA THR D 649 -24.82 5.93 8.50
C THR D 649 -24.90 7.43 8.72
N HIS D 650 -25.43 7.84 9.86
CA HIS D 650 -25.53 9.26 10.19
C HIS D 650 -24.13 9.86 10.33
N HIS D 651 -23.96 11.09 9.84
CA HIS D 651 -22.64 11.68 9.73
C HIS D 651 -21.97 11.80 11.09
N ILE D 652 -22.71 12.27 12.09
CA ILE D 652 -22.17 12.32 13.45
C ILE D 652 -21.90 10.91 13.95
N PHE D 653 -22.84 9.99 13.71
CA PHE D 653 -22.65 8.60 14.13
C PHE D 653 -21.47 7.96 13.40
N LEU D 654 -21.35 8.23 12.09
CA LEU D 654 -20.24 7.67 11.33
C LEU D 654 -18.90 8.20 11.83
N TRP D 655 -18.83 9.51 12.11
CA TRP D 655 -17.61 10.10 12.64
C TRP D 655 -17.26 9.50 14.00
N LEU D 656 -18.27 9.34 14.87
CA LEU D 656 -18.02 8.74 16.18
C LEU D 656 -17.54 7.31 16.06
N ARG D 657 -18.15 6.53 15.16
CA ARG D 657 -17.73 5.14 14.96
C ARG D 657 -16.30 5.08 14.43
N TRP D 658 -15.95 5.97 13.50
CA TRP D 658 -14.58 5.99 13.00
C TRP D 658 -13.59 6.39 14.10
N ARG D 659 -13.99 7.31 14.98
CA ARG D 659 -13.13 7.65 16.11
C ARG D 659 -12.93 6.46 17.04
N ILE D 660 -14.01 5.71 17.31
CA ILE D 660 -13.88 4.52 18.15
C ILE D 660 -12.96 3.50 17.51
N LEU D 661 -13.08 3.33 16.19
CA LEU D 661 -12.16 2.44 15.48
C LEU D 661 -10.74 2.98 15.51
N ARG D 662 -10.57 4.29 15.62
CA ARG D 662 -9.24 4.90 15.61
C ARG D 662 -8.52 4.67 16.93
N LEU D 663 -9.22 4.85 18.06
CA LEU D 663 -8.57 4.89 19.36
C LEU D 663 -9.09 3.82 20.31
N PHE D 664 -9.19 2.57 19.83
CA PHE D 664 -9.64 1.48 20.68
C PHE D 664 -8.76 1.26 21.91
N PRO D 665 -7.42 1.26 21.82
CA PRO D 665 -6.62 1.12 23.05
C PRO D 665 -6.88 2.21 24.07
N TRP D 666 -7.25 3.42 23.63
CA TRP D 666 -7.60 4.47 24.58
C TRP D 666 -8.84 4.09 25.37
N ILE D 667 -9.85 3.52 24.70
CA ILE D 667 -11.05 3.06 25.41
C ILE D 667 -10.72 1.90 26.33
N LEU D 668 -9.80 1.02 25.92
CA LEU D 668 -9.37 -0.05 26.80
C LEU D 668 -8.72 0.50 28.07
N LEU D 669 -7.85 1.50 27.91
CA LEU D 669 -7.23 2.16 29.06
C LEU D 669 -8.27 2.81 29.94
N GLY D 670 -9.27 3.44 29.33
CA GLY D 670 -10.34 4.04 30.10
C GLY D 670 -11.11 3.01 30.92
N CYS D 671 -11.39 1.84 30.32
CA CYS D 671 -12.08 0.78 31.06
C CYS D 671 -11.24 0.33 32.24
N LEU D 672 -9.92 0.16 32.04
CA LEU D 672 -9.05 -0.22 33.14
C LEU D 672 -9.07 0.85 34.24
N MET D 673 -9.08 2.12 33.85
CA MET D 673 -9.11 3.21 34.83
C MET D 673 -10.39 3.19 35.65
N ILE D 674 -11.54 2.99 35.00
CA ILE D 674 -12.79 2.88 35.76
C ILE D 674 -12.74 1.69 36.70
N THR D 675 -12.14 0.58 36.25
CA THR D 675 -12.02 -0.58 37.11
C THR D 675 -11.21 -0.25 38.37
N CYS D 676 -10.09 0.45 38.21
CA CYS D 676 -9.26 0.78 39.36
C CYS D 676 -9.98 1.76 40.29
N VAL D 677 -10.61 2.78 39.73
CA VAL D 677 -11.33 3.76 40.53
C VAL D 677 -12.42 3.09 41.33
N THR D 678 -13.09 2.09 40.73
CA THR D 678 -14.14 1.37 41.42
C THR D 678 -13.60 0.41 42.48
N ILE D 679 -12.43 -0.20 42.26
CA ILE D 679 -11.94 -1.19 43.22
C ILE D 679 -11.29 -0.53 44.43
N ILE D 680 -10.81 0.71 44.32
CA ILE D 680 -10.17 1.36 45.47
C ILE D 680 -11.01 1.32 46.74
N PRO D 681 -12.33 1.60 46.72
CA PRO D 681 -13.11 1.51 47.95
C PRO D 681 -13.06 0.13 48.61
N SER D 682 -13.01 -0.94 47.82
CA SER D 682 -12.85 -2.26 48.41
C SER D 682 -11.54 -2.38 49.16
N ALA D 683 -10.47 -1.79 48.61
CA ALA D 683 -9.19 -1.81 49.29
C ALA D 683 -9.25 -1.05 50.61
N ILE D 684 -9.90 0.11 50.63
CA ILE D 684 -9.97 0.87 51.88
C ILE D 684 -10.83 0.14 52.91
N GLY D 685 -11.91 -0.51 52.46
CA GLY D 685 -12.73 -1.28 53.38
C GLY D 685 -11.98 -2.46 53.96
N ASN D 686 -11.20 -3.16 53.13
CA ASN D 686 -10.39 -4.27 53.63
C ASN D 686 -9.35 -3.78 54.63
N TYR D 687 -8.72 -2.64 54.35
CA TYR D 687 -7.75 -2.08 55.28
C TYR D 687 -8.39 -1.77 56.63
N ILE D 688 -9.57 -1.14 56.60
CA ILE D 688 -10.26 -0.79 57.84
C ILE D 688 -10.64 -2.06 58.61
N GLN D 689 -11.17 -3.06 57.90
CA GLN D 689 -11.58 -4.29 58.56
C GLN D 689 -10.38 -5.02 59.18
N ILE D 690 -9.25 -5.03 58.46
CA ILE D 690 -8.04 -5.66 59.00
C ILE D 690 -7.56 -4.91 60.23
N GLN D 691 -7.61 -3.58 60.21
CA GLN D 691 -7.23 -2.81 61.39
C GLN D 691 -8.14 -3.12 62.58
N LEU D 692 -9.44 -3.28 62.33
CA LEU D 692 -10.33 -3.71 63.40
C LEU D 692 -9.98 -5.10 63.90
N LEU D 693 -9.64 -6.02 62.99
CA LEU D 693 -9.28 -7.38 63.38
C LEU D 693 -8.03 -7.40 64.23
N THR D 694 -7.02 -6.61 63.86
CA THR D 694 -5.77 -6.56 64.60
C THR D 694 -5.85 -5.58 65.76
N GLU D 709 -21.07 -7.01 59.31
CA GLU D 709 -21.66 -5.98 60.15
C GLU D 709 -20.94 -4.64 59.99
N ASN D 710 -21.73 -3.56 59.90
CA ASN D 710 -21.21 -2.20 59.76
C ASN D 710 -20.24 -2.08 58.59
N PHE D 711 -18.94 -2.14 58.87
CA PHE D 711 -17.94 -2.00 57.82
C PHE D 711 -18.04 -3.14 56.81
N HIS D 712 -18.28 -4.36 57.29
CA HIS D 712 -18.45 -5.48 56.38
C HIS D 712 -19.67 -5.31 55.48
N GLN D 713 -20.76 -4.77 56.05
CA GLN D 713 -21.93 -4.47 55.24
C GLN D 713 -21.62 -3.41 54.20
N TYR D 714 -20.83 -2.39 54.56
CA TYR D 714 -20.42 -1.39 53.60
C TYR D 714 -19.58 -2.00 52.48
N GLN D 715 -18.69 -2.94 52.82
CA GLN D 715 -17.91 -3.62 51.79
C GLN D 715 -18.81 -4.46 50.88
N PHE D 716 -19.82 -5.10 51.45
CA PHE D 716 -20.77 -5.85 50.63
C PHE D 716 -21.51 -4.93 49.66
N GLN D 717 -21.95 -3.77 50.15
CA GLN D 717 -22.62 -2.81 49.29
C GLN D 717 -21.67 -2.31 48.20
N ALA D 718 -20.41 -2.08 48.56
CA ALA D 718 -19.42 -1.66 47.57
C ALA D 718 -19.22 -2.72 46.50
N HIS D 719 -19.15 -3.99 46.89
CA HIS D 719 -19.04 -5.07 45.92
C HIS D 719 -20.23 -5.10 44.99
N THR D 720 -21.44 -4.98 45.53
CA THR D 720 -22.64 -5.02 44.70
C THR D 720 -22.66 -3.86 43.71
N VAL D 721 -22.35 -2.64 44.19
CA VAL D 721 -22.34 -1.48 43.31
C VAL D 721 -21.26 -1.63 42.25
N ALA D 722 -20.11 -2.17 42.62
CA ALA D 722 -19.03 -2.36 41.67
C ALA D 722 -19.41 -3.33 40.56
N LEU D 723 -20.05 -4.44 40.93
CA LEU D 723 -20.36 -5.47 39.95
C LEU D 723 -21.64 -5.17 39.16
N VAL D 724 -22.48 -4.23 39.59
CA VAL D 724 -23.75 -4.01 38.92
C VAL D 724 -23.64 -2.99 37.77
N ILE D 725 -22.49 -2.36 37.58
CA ILE D 725 -22.37 -1.32 36.57
C ILE D 725 -22.29 -1.92 35.15
N PRO D 726 -21.33 -2.80 34.83
CA PRO D 726 -21.24 -3.26 33.44
C PRO D 726 -22.47 -4.02 32.96
N PHE D 727 -23.17 -4.69 33.86
CA PHE D 727 -24.23 -5.62 33.47
C PHE D 727 -25.38 -4.91 32.76
N ILE D 728 -25.73 -3.71 33.21
CA ILE D 728 -26.85 -3.00 32.58
C ILE D 728 -26.54 -2.70 31.13
N LEU D 729 -25.35 -2.16 30.86
CA LEU D 729 -24.96 -1.86 29.49
C LEU D 729 -24.88 -3.13 28.64
N PHE D 730 -24.32 -4.20 29.20
CA PHE D 730 -24.20 -5.45 28.45
C PHE D 730 -25.58 -5.99 28.08
N LEU D 731 -26.50 -6.00 29.05
CA LEU D 731 -27.85 -6.49 28.79
C LEU D 731 -28.55 -5.63 27.75
N ALA D 732 -28.43 -4.30 27.88
CA ALA D 732 -29.10 -3.41 26.93
C ALA D 732 -28.59 -3.63 25.51
N SER D 733 -27.26 -3.72 25.35
CA SER D 733 -26.69 -3.90 24.02
C SER D 733 -27.11 -5.24 23.42
N THR D 734 -27.05 -6.31 24.22
CA THR D 734 -27.45 -7.62 23.71
C THR D 734 -28.93 -7.63 23.30
N ILE D 735 -29.78 -7.03 24.14
CA ILE D 735 -31.21 -6.99 23.82
C ILE D 735 -31.45 -6.22 22.54
N PHE D 736 -30.77 -5.08 22.37
CA PHE D 736 -30.95 -4.30 21.15
C PHE D 736 -30.51 -5.07 19.91
N LEU D 737 -29.36 -5.76 19.99
CA LEU D 737 -28.90 -6.53 18.84
C LEU D 737 -29.89 -7.63 18.49
N MET D 738 -30.38 -8.36 19.51
CA MET D 738 -31.34 -9.42 19.26
C MET D 738 -32.63 -8.87 18.66
N ALA D 739 -33.09 -7.73 19.15
CA ALA D 739 -34.33 -7.14 18.63
C ALA D 739 -34.17 -6.71 17.17
N SER D 740 -33.03 -6.09 16.84
CA SER D 740 -32.80 -5.68 15.46
C SER D 740 -32.75 -6.89 14.53
N LEU D 741 -32.03 -7.94 14.93
CA LEU D 741 -31.94 -9.12 14.08
C LEU D 741 -33.30 -9.82 13.97
N THR D 742 -34.09 -9.82 15.04
CA THR D 742 -35.41 -10.43 14.98
C THR D 742 -36.33 -9.67 14.04
N LYS D 743 -36.27 -8.33 14.08
CA LYS D 743 -37.07 -7.53 13.15
C LYS D 743 -36.66 -7.78 11.70
N GLN D 744 -35.35 -7.86 11.45
CA GLN D 744 -34.87 -8.17 10.11
C GLN D 744 -35.34 -9.55 9.67
N ILE D 745 -35.34 -10.52 10.58
CA ILE D 745 -35.83 -11.85 10.26
C ILE D 745 -37.31 -11.81 9.93
N GLN D 746 -38.08 -11.04 10.71
CA GLN D 746 -39.53 -11.07 10.59
C GLN D 746 -40.00 -10.40 9.30
N HIS D 747 -39.27 -9.40 8.81
CA HIS D 747 -39.62 -8.84 7.49
C HIS D 747 -38.43 -8.77 6.56
N HIS D 748 -37.69 -9.88 6.42
CA HIS D 748 -36.64 -10.01 5.42
C HIS D 748 -36.69 -11.35 4.68
N SER D 749 -37.86 -12.00 4.67
CA SER D 749 -38.00 -13.28 3.99
C SER D 749 -37.94 -13.15 2.47
N THR D 750 -38.21 -11.95 1.94
CA THR D 750 -38.20 -11.76 0.49
C THR D 750 -36.79 -11.92 -0.08
N GLY D 751 -35.78 -11.45 0.64
CA GLY D 751 -34.41 -11.48 0.14
C GLY D 751 -33.76 -12.86 0.21
N HIS D 752 -34.46 -13.88 -0.29
CA HIS D 752 -33.95 -15.24 -0.38
C HIS D 752 -33.59 -15.80 0.98
N CYS D 753 -33.02 -17.01 1.01
CA CYS D 753 -32.74 -17.68 2.28
C CYS D 753 -31.39 -18.37 2.38
N ASN D 754 -30.59 -18.44 1.31
CA ASN D 754 -29.40 -19.29 1.36
C ASN D 754 -28.33 -18.72 2.30
N PRO D 755 -27.72 -17.54 2.03
CA PRO D 755 -26.64 -17.09 2.90
C PRO D 755 -27.05 -16.10 3.97
N SER D 756 -28.28 -15.61 3.92
CA SER D 756 -28.72 -14.53 4.81
C SER D 756 -29.54 -15.07 5.99
N MET D 757 -30.52 -15.92 5.71
CA MET D 757 -31.33 -16.49 6.77
C MET D 757 -30.48 -17.29 7.74
N LYS D 758 -29.58 -18.13 7.22
CA LYS D 758 -28.71 -18.92 8.06
C LYS D 758 -27.77 -18.04 8.86
N ALA D 759 -27.24 -16.98 8.25
CA ALA D 759 -26.34 -16.08 8.96
C ALA D 759 -27.05 -15.40 10.12
N ARG D 760 -28.23 -14.86 9.88
CA ARG D 760 -28.96 -14.18 10.94
C ARG D 760 -29.35 -15.15 12.06
N PHE D 761 -29.79 -16.36 11.69
CA PHE D 761 -30.14 -17.34 12.72
C PHE D 761 -28.92 -17.76 13.52
N THR D 762 -27.77 -17.93 12.87
CA THR D 762 -26.55 -18.29 13.58
C THR D 762 -26.14 -17.20 14.56
N ALA D 763 -26.22 -15.95 14.13
CA ALA D 763 -25.90 -14.85 15.04
C ALA D 763 -26.84 -14.82 16.24
N LEU D 764 -28.14 -15.01 15.99
CA LEU D 764 -29.10 -15.01 17.08
C LEU D 764 -28.82 -16.14 18.07
N ARG D 765 -28.52 -17.34 17.56
CA ARG D 765 -28.22 -18.47 18.41
C ARG D 765 -26.98 -18.21 19.27
N SER D 766 -25.92 -17.66 18.66
CA SER D 766 -24.71 -17.37 19.41
C SER D 766 -24.97 -16.34 20.51
N LEU D 767 -25.74 -15.29 20.19
CA LEU D 767 -26.03 -14.27 21.18
C LEU D 767 -26.85 -14.85 22.34
N ALA D 768 -27.81 -15.72 22.03
CA ALA D 768 -28.60 -16.34 23.09
C ALA D 768 -27.74 -17.19 24.00
N VAL D 769 -26.82 -17.97 23.41
CA VAL D 769 -25.93 -18.80 24.22
C VAL D 769 -25.08 -17.94 25.14
N LEU D 770 -24.50 -16.87 24.61
CA LEU D 770 -23.67 -15.98 25.41
C LEU D 770 -24.48 -15.37 26.56
N PHE D 771 -25.69 -14.90 26.25
CA PHE D 771 -26.53 -14.29 27.28
C PHE D 771 -26.81 -15.28 28.40
N ILE D 772 -27.20 -16.52 28.05
CA ILE D 772 -27.55 -17.50 29.07
C ILE D 772 -26.34 -17.81 29.95
N VAL D 773 -25.18 -18.04 29.33
CA VAL D 773 -24.00 -18.44 30.10
C VAL D 773 -23.57 -17.32 31.04
N PHE D 774 -23.55 -16.08 30.54
CA PHE D 774 -23.11 -14.97 31.39
C PHE D 774 -24.12 -14.69 32.52
N THR D 775 -25.41 -14.81 32.24
CA THR D 775 -26.39 -14.63 33.30
C THR D 775 -26.21 -15.68 34.39
N SER D 776 -25.97 -16.93 34.00
CA SER D 776 -25.73 -17.97 34.99
C SER D 776 -24.51 -17.66 35.84
N TYR D 777 -23.40 -17.27 35.19
CA TYR D 777 -22.19 -16.95 35.94
C TYR D 777 -22.42 -15.81 36.93
N PHE D 778 -23.11 -14.75 36.48
CA PHE D 778 -23.39 -13.63 37.37
C PHE D 778 -24.24 -14.07 38.55
N LEU D 779 -25.25 -14.92 38.30
CA LEU D 779 -26.11 -15.38 39.38
C LEU D 779 -25.32 -16.17 40.42
N THR D 780 -24.46 -17.09 39.99
CA THR D 780 -23.69 -17.86 40.97
C THR D 780 -22.73 -16.98 41.74
N ILE D 781 -22.06 -16.04 41.08
CA ILE D 781 -21.13 -15.17 41.80
C ILE D 781 -21.87 -14.34 42.83
N LEU D 782 -23.02 -13.77 42.47
CA LEU D 782 -23.79 -13.00 43.45
C LEU D 782 -24.24 -13.86 44.62
N ILE D 783 -24.80 -15.05 44.33
CA ILE D 783 -25.29 -15.93 45.40
C ILE D 783 -24.15 -16.29 46.33
N THR D 784 -22.94 -16.46 45.80
CA THR D 784 -21.77 -16.56 46.65
C THR D 784 -21.59 -15.30 47.49
N ILE D 785 -21.81 -14.13 46.88
CA ILE D 785 -21.55 -12.87 47.58
C ILE D 785 -22.39 -12.76 48.84
N ILE D 786 -23.68 -13.09 48.77
CA ILE D 786 -24.45 -13.11 50.01
C ILE D 786 -23.94 -14.21 50.94
N GLY D 787 -24.05 -15.47 50.52
CA GLY D 787 -23.45 -16.57 51.24
C GLY D 787 -24.16 -16.99 52.51
N THR D 788 -25.24 -16.32 52.90
CA THR D 788 -25.95 -16.74 54.11
C THR D 788 -26.71 -18.03 53.89
N LEU D 789 -27.42 -18.15 52.75
CA LEU D 789 -28.19 -19.35 52.47
C LEU D 789 -27.27 -20.52 52.11
N PHE D 790 -26.24 -20.28 51.32
CA PHE D 790 -25.34 -21.33 50.87
C PHE D 790 -24.14 -21.43 51.81
N ASP D 791 -23.91 -22.63 52.33
CA ASP D 791 -22.79 -22.89 53.24
C ASP D 791 -21.61 -23.36 52.42
N LYS D 792 -20.72 -22.43 52.06
CA LYS D 792 -19.52 -22.80 51.32
C LYS D 792 -18.60 -23.70 52.14
N ARG D 793 -18.64 -23.55 53.46
CA ARG D 793 -17.83 -24.41 54.33
C ARG D 793 -18.24 -25.87 54.19
N CYS D 794 -19.55 -26.13 54.15
CA CYS D 794 -20.03 -27.50 54.04
C CYS D 794 -19.76 -28.08 52.64
N TRP D 795 -20.09 -27.32 51.60
CA TRP D 795 -19.90 -27.75 50.22
C TRP D 795 -19.15 -26.64 49.48
N LEU D 796 -17.95 -26.96 48.99
CA LEU D 796 -17.14 -25.98 48.28
C LEU D 796 -16.76 -26.44 46.88
N TRP D 797 -16.29 -27.67 46.72
CA TRP D 797 -15.79 -28.14 45.43
C TRP D 797 -16.90 -28.28 44.39
N VAL D 798 -18.11 -28.67 44.81
CA VAL D 798 -19.23 -28.76 43.89
C VAL D 798 -19.53 -27.38 43.29
N TRP D 799 -19.55 -26.37 44.16
CA TRP D 799 -19.80 -25.00 43.71
C TRP D 799 -18.69 -24.52 42.79
N GLU D 800 -17.44 -24.85 43.11
CA GLU D 800 -16.32 -24.50 42.25
C GLU D 800 -16.50 -25.11 40.87
N ALA D 801 -16.85 -26.40 40.82
CA ALA D 801 -17.05 -27.07 39.53
C ALA D 801 -18.18 -26.43 38.76
N PHE D 802 -19.27 -26.07 39.43
CA PHE D 802 -20.40 -25.43 38.76
C PHE D 802 -19.97 -24.12 38.09
N VAL D 803 -19.41 -23.20 38.89
CA VAL D 803 -19.08 -21.88 38.37
C VAL D 803 -18.04 -21.98 37.27
N TYR D 804 -17.06 -22.86 37.43
CA TYR D 804 -16.00 -22.87 36.44
C TYR D 804 -16.32 -23.74 35.24
N ALA D 805 -17.33 -24.61 35.32
CA ALA D 805 -17.91 -25.16 34.11
C ALA D 805 -18.59 -24.06 33.31
N PHE D 806 -19.31 -23.16 33.99
CA PHE D 806 -19.87 -22.00 33.30
C PHE D 806 -18.79 -21.22 32.56
N ILE D 807 -17.71 -20.88 33.27
CA ILE D 807 -16.65 -20.10 32.63
C ILE D 807 -16.00 -20.90 31.50
N LEU D 808 -15.96 -22.23 31.62
CA LEU D 808 -15.40 -23.06 30.56
C LEU D 808 -16.22 -22.96 29.29
N MET D 809 -17.55 -23.08 29.41
CA MET D 809 -18.38 -22.92 28.20
C MET D 809 -18.22 -21.52 27.60
N HIS D 810 -18.19 -20.50 28.47
CA HIS D 810 -18.04 -19.13 27.97
C HIS D 810 -16.75 -18.97 27.16
N SER D 811 -15.64 -19.44 27.72
CA SER D 811 -14.35 -19.28 27.06
C SER D 811 -14.26 -20.11 25.79
N THR D 812 -14.84 -21.33 25.81
CA THR D 812 -14.84 -22.15 24.60
C THR D 812 -15.61 -21.46 23.48
N SER D 813 -16.78 -20.89 23.80
CA SER D 813 -17.54 -20.18 22.79
C SER D 813 -16.76 -19.00 22.23
N LEU D 814 -16.17 -18.20 23.11
CA LEU D 814 -15.43 -17.02 22.64
C LEU D 814 -14.22 -17.41 21.81
N MET D 815 -13.56 -18.52 22.15
CA MET D 815 -12.44 -19.00 21.36
C MET D 815 -12.89 -19.45 19.98
N LEU D 816 -13.97 -20.23 19.93
CA LEU D 816 -14.46 -20.73 18.65
C LEU D 816 -15.02 -19.63 17.75
N SER D 817 -15.48 -18.51 18.33
CA SER D 817 -16.09 -17.45 17.53
C SER D 817 -15.08 -16.43 17.00
N SER D 818 -13.79 -16.66 17.18
CA SER D 818 -12.80 -15.67 16.76
C SER D 818 -12.66 -15.66 15.24
N PRO D 819 -12.68 -14.48 14.61
CA PRO D 819 -12.52 -14.45 13.14
C PRO D 819 -11.09 -14.69 12.69
N THR D 820 -10.11 -14.09 13.36
CA THR D 820 -8.71 -14.24 12.94
C THR D 820 -8.23 -15.67 13.10
N LEU D 821 -8.61 -16.33 14.20
CA LEU D 821 -8.16 -17.69 14.45
C LEU D 821 -8.68 -18.65 13.38
N LYS D 822 -9.97 -18.53 13.06
CA LYS D 822 -10.57 -19.43 12.05
C LYS D 822 -9.87 -19.18 10.71
N ARG D 823 -9.56 -17.92 10.39
CA ARG D 823 -8.81 -17.61 9.14
C ARG D 823 -7.48 -18.35 9.18
N ILE D 824 -6.74 -18.21 10.28
CA ILE D 824 -5.45 -18.94 10.46
C ILE D 824 -5.73 -20.45 10.41
N LEU D 825 -6.85 -20.87 11.00
CA LEU D 825 -7.21 -22.32 11.01
C LEU D 825 -8.07 -22.63 9.78
N VAL E 2 7.52 33.73 -9.69
CA VAL E 2 7.40 33.73 -8.23
C VAL E 2 7.80 35.09 -7.68
N GLN E 3 6.97 35.62 -6.78
CA GLN E 3 7.19 36.94 -6.20
C GLN E 3 6.99 36.88 -4.69
N LEU E 4 7.61 37.83 -4.00
CA LEU E 4 7.46 37.95 -2.55
C LEU E 4 7.53 39.44 -2.22
N VAL E 5 6.38 40.04 -1.91
CA VAL E 5 6.29 41.45 -1.61
C VAL E 5 5.86 41.61 -0.16
N GLU E 6 6.45 42.59 0.53
CA GLU E 6 6.18 42.86 1.93
C GLU E 6 5.72 44.31 2.09
N SER E 7 5.29 44.66 3.30
CA SER E 7 4.76 45.99 3.55
C SER E 7 4.86 46.28 5.05
N GLY E 8 4.69 47.55 5.38
CA GLY E 8 4.74 48.02 6.75
C GLY E 8 6.13 48.47 7.16
N GLY E 9 6.17 49.42 8.08
CA GLY E 9 7.45 49.92 8.57
C GLY E 9 7.57 51.43 8.55
N GLY E 10 8.79 51.93 8.43
CA GLY E 10 9.04 53.36 8.42
C GLY E 10 9.60 53.86 9.73
N LEU E 11 9.27 55.10 10.08
CA LEU E 11 9.72 55.69 11.32
C LEU E 11 8.78 55.32 12.46
N VAL E 12 9.35 54.87 13.58
CA VAL E 12 8.56 54.47 14.74
C VAL E 12 9.22 55.06 15.98
N GLN E 13 8.40 55.59 16.90
CA GLN E 13 8.93 56.06 18.16
C GLN E 13 9.30 54.89 19.06
N PRO E 14 10.24 55.07 19.99
CA PRO E 14 10.61 53.96 20.87
C PRO E 14 9.45 53.54 21.77
N GLY E 15 9.45 52.26 22.12
CA GLY E 15 8.41 51.72 22.98
C GLY E 15 7.13 51.33 22.29
N GLY E 16 7.09 51.34 20.95
CA GLY E 16 5.89 51.00 20.21
C GLY E 16 5.85 49.54 19.82
N SER E 17 4.96 49.25 18.86
CA SER E 17 4.79 47.91 18.32
C SER E 17 4.64 48.00 16.80
N ARG E 18 4.99 46.92 16.12
CA ARG E 18 4.97 46.91 14.66
C ARG E 18 4.53 45.55 14.13
N LYS E 19 3.70 45.58 13.09
CA LYS E 19 3.26 44.39 12.39
C LYS E 19 3.91 44.36 11.01
N LEU E 20 4.65 43.30 10.71
CA LEU E 20 5.30 43.11 9.43
C LEU E 20 4.65 41.95 8.70
N SER E 21 4.41 42.11 7.40
CA SER E 21 3.67 41.14 6.61
C SER E 21 4.48 40.70 5.40
N CYS E 22 4.46 39.40 5.12
CA CYS E 22 5.02 38.81 3.91
C CYS E 22 3.89 38.19 3.13
N SER E 23 3.65 38.67 1.91
CA SER E 23 2.58 38.18 1.06
C SER E 23 3.19 37.47 -0.15
N ALA E 24 2.82 36.21 -0.34
CA ALA E 24 3.41 35.36 -1.36
C ALA E 24 2.40 35.04 -2.44
N SER E 25 2.89 34.96 -3.67
CA SER E 25 2.05 34.61 -4.81
C SER E 25 2.93 34.07 -5.92
N GLY E 26 2.42 33.05 -6.60
CA GLY E 26 3.12 32.45 -7.72
C GLY E 26 3.68 31.06 -7.46
N PHE E 27 3.42 30.47 -6.30
CA PHE E 27 3.94 29.16 -5.98
C PHE E 27 3.16 28.58 -4.82
N ALA E 28 3.29 27.26 -4.65
CA ALA E 28 2.69 26.60 -3.49
C ALA E 28 3.34 27.08 -2.20
N PHE E 29 2.56 27.11 -1.14
CA PHE E 29 3.00 27.71 0.12
C PHE E 29 3.05 26.70 1.27
N SER E 30 2.07 25.80 1.36
CA SER E 30 1.98 24.90 2.51
C SER E 30 3.16 23.95 2.60
N SER E 31 3.93 23.77 1.52
CA SER E 31 5.06 22.86 1.51
C SER E 31 6.38 23.55 1.83
N PHE E 32 6.35 24.83 2.19
CA PHE E 32 7.55 25.62 2.40
C PHE E 32 7.62 26.13 3.84
N GLY E 33 8.84 26.24 4.37
CA GLY E 33 9.09 26.90 5.62
C GLY E 33 9.62 28.31 5.41
N MET E 34 9.37 29.17 6.40
CA MET E 34 9.61 30.60 6.24
C MET E 34 10.60 31.12 7.27
N HIS E 35 11.48 32.02 6.82
CA HIS E 35 12.48 32.68 7.66
C HIS E 35 12.40 34.18 7.47
N TRP E 36 12.81 34.91 8.50
CA TRP E 36 13.01 36.35 8.45
C TRP E 36 14.48 36.66 8.69
N VAL E 37 15.01 37.64 7.96
CA VAL E 37 16.40 38.04 8.14
C VAL E 37 16.48 39.56 8.15
N ARG E 38 17.11 40.13 9.18
CA ARG E 38 17.31 41.56 9.27
C ARG E 38 18.63 41.96 8.61
N GLN E 39 18.74 43.23 8.25
CA GLN E 39 19.95 43.76 7.64
C GLN E 39 20.41 44.99 8.42
N ALA E 40 21.65 44.94 8.92
CA ALA E 40 22.20 46.06 9.65
C ALA E 40 22.39 47.27 8.71
N PRO E 41 22.36 48.49 9.25
CA PRO E 41 22.43 49.67 8.38
C PRO E 41 23.65 49.71 7.48
N GLU E 42 24.81 49.26 7.98
CA GLU E 42 26.01 49.22 7.15
C GLU E 42 26.82 47.94 7.37
N LYS E 43 26.21 46.92 7.96
CA LYS E 43 26.92 45.68 8.26
C LYS E 43 26.18 44.47 7.67
N GLY E 44 26.60 43.27 8.05
CA GLY E 44 26.00 42.06 7.53
C GLY E 44 24.62 41.79 8.13
N LEU E 45 24.03 40.69 7.67
CA LEU E 45 22.69 40.30 8.08
C LEU E 45 22.74 39.38 9.30
N GLU E 46 21.65 39.37 10.05
CA GLU E 46 21.51 38.51 11.22
C GLU E 46 20.14 37.85 11.20
N TRP E 47 20.12 36.57 11.55
CA TRP E 47 18.90 35.77 11.54
C TRP E 47 17.97 36.18 12.67
N VAL E 48 16.66 36.00 12.46
CA VAL E 48 15.67 36.49 13.42
C VAL E 48 14.77 35.36 13.93
N ALA E 49 14.04 34.69 13.03
CA ALA E 49 13.04 33.72 13.46
C ALA E 49 12.97 32.58 12.45
N TYR E 50 12.03 31.65 12.70
CA TYR E 50 11.85 30.49 11.84
C TYR E 50 10.49 29.87 12.14
N ILE E 51 9.67 29.69 11.10
CA ILE E 51 8.44 28.92 11.17
C ILE E 51 8.49 27.81 10.13
N SER E 52 7.95 26.64 10.47
CA SER E 52 8.00 25.48 9.60
C SER E 52 6.61 25.15 9.05
N SER E 53 6.59 24.24 8.08
CA SER E 53 5.34 23.86 7.44
C SER E 53 4.45 23.11 8.43
N GLY E 54 3.16 23.43 8.42
CA GLY E 54 2.22 22.85 9.35
C GLY E 54 2.16 23.53 10.70
N SER E 55 2.97 24.57 10.92
CA SER E 55 2.99 25.31 12.18
C SER E 55 3.26 24.39 13.37
N GLY E 56 4.32 23.59 13.25
CA GLY E 56 4.67 22.66 14.30
C GLY E 56 5.84 23.10 15.15
N THR E 57 6.89 23.61 14.51
CA THR E 57 8.10 24.05 15.19
C THR E 57 8.29 25.54 14.99
N ILE E 58 8.56 26.26 16.08
CA ILE E 58 8.75 27.71 16.07
C ILE E 58 10.08 28.00 16.75
N TYR E 59 10.98 28.70 16.04
CA TYR E 59 12.31 28.99 16.57
C TYR E 59 12.58 30.48 16.49
N TYR E 60 13.31 31.00 17.48
CA TYR E 60 13.64 32.41 17.56
C TYR E 60 15.13 32.59 17.77
N ALA E 61 15.54 33.85 17.92
CA ALA E 61 16.91 34.22 18.24
C ALA E 61 16.97 34.80 19.65
N ASP E 62 18.16 34.71 20.25
CA ASP E 62 18.32 35.13 21.65
C ASP E 62 18.09 36.62 21.83
N THR E 63 18.52 37.43 20.86
CA THR E 63 18.44 38.88 21.00
C THR E 63 17.03 39.41 20.84
N VAL E 64 16.08 38.58 20.41
CA VAL E 64 14.74 39.03 20.09
C VAL E 64 13.66 38.23 20.83
N LYS E 65 14.06 37.35 21.74
CA LYS E 65 13.10 36.49 22.42
C LYS E 65 12.14 37.31 23.28
N GLY E 66 10.90 36.84 23.40
CA GLY E 66 9.92 37.46 24.26
C GLY E 66 9.02 38.45 23.55
N ARG E 67 9.62 39.49 22.97
CA ARG E 67 8.87 40.56 22.33
C ARG E 67 8.69 40.35 20.82
N PHE E 68 9.13 39.22 20.29
CA PHE E 68 8.97 38.88 18.88
C PHE E 68 8.04 37.67 18.76
N THR E 69 7.08 37.75 17.83
CA THR E 69 6.23 36.59 17.53
C THR E 69 6.11 36.42 16.02
N ILE E 70 6.03 35.18 15.57
CA ILE E 70 5.95 34.85 14.15
C ILE E 70 4.82 33.86 13.92
N SER E 71 3.98 34.15 12.94
CA SER E 71 2.84 33.29 12.64
C SER E 71 2.60 33.27 11.13
N ARG E 72 1.72 32.37 10.71
CA ARG E 72 1.40 32.22 9.29
C ARG E 72 -0.09 31.95 9.12
N ASP E 73 -0.61 32.27 7.94
CA ASP E 73 -1.97 31.98 7.52
C ASP E 73 -1.85 31.29 6.17
N ASP E 74 -1.86 29.95 6.19
CA ASP E 74 -1.68 29.17 4.97
C ASP E 74 -2.80 29.34 3.97
N PRO E 75 -4.09 29.24 4.33
CA PRO E 75 -5.14 29.37 3.30
C PRO E 75 -5.10 30.68 2.56
N LYS E 76 -4.74 31.78 3.24
CA LYS E 76 -4.63 33.08 2.60
C LYS E 76 -3.22 33.40 2.14
N ASN E 77 -2.26 32.52 2.40
CA ASN E 77 -0.88 32.68 1.95
C ASN E 77 -0.27 33.99 2.47
N THR E 78 -0.16 34.09 3.80
CA THR E 78 0.42 35.29 4.40
C THR E 78 1.28 34.89 5.59
N LEU E 79 2.25 35.75 5.91
CA LEU E 79 3.15 35.53 7.03
C LEU E 79 3.23 36.80 7.86
N PHE E 80 3.22 36.66 9.18
CA PHE E 80 3.16 37.80 10.09
C PHE E 80 4.29 37.75 11.10
N LEU E 81 4.86 38.92 11.37
CA LEU E 81 5.79 39.13 12.48
C LEU E 81 5.26 40.28 13.34
N GLN E 82 5.19 40.06 14.65
CA GLN E 82 4.74 41.07 15.60
C GLN E 82 5.90 41.44 16.51
N MET E 83 6.19 42.73 16.59
CA MET E 83 7.28 43.27 17.39
C MET E 83 6.73 44.21 18.44
N THR E 84 7.26 44.12 19.65
CA THR E 84 6.84 44.97 20.76
C THR E 84 8.08 45.48 21.51
N SER E 85 7.92 46.63 22.16
CA SER E 85 8.97 47.25 22.96
C SER E 85 10.25 47.42 22.15
N LEU E 86 10.14 48.21 21.08
CA LEU E 86 11.27 48.44 20.19
C LEU E 86 12.32 49.32 20.86
N ARG E 87 13.52 49.29 20.28
CA ARG E 87 14.62 50.12 20.76
C ARG E 87 15.57 50.37 19.60
N SER E 88 16.62 51.16 19.86
CA SER E 88 17.49 51.64 18.81
C SER E 88 18.18 50.51 18.05
N GLU E 89 18.26 49.32 18.65
CA GLU E 89 18.85 48.18 17.95
C GLU E 89 18.02 47.81 16.72
N ASP E 90 16.70 47.84 16.84
CA ASP E 90 15.81 47.43 15.76
C ASP E 90 15.70 48.51 14.68
N THR E 91 16.82 48.84 14.04
CA THR E 91 16.85 49.75 12.91
C THR E 91 17.43 48.96 11.74
N ALA E 92 16.58 48.35 10.93
CA ALA E 92 17.05 47.41 9.92
C ALA E 92 16.00 47.28 8.82
N MET E 93 16.45 46.77 7.68
CA MET E 93 15.55 46.47 6.57
C MET E 93 15.47 44.96 6.38
N TYR E 94 14.25 44.44 6.46
CA TYR E 94 13.99 43.03 6.68
C TYR E 94 13.66 42.31 5.37
N TYR E 95 14.00 41.02 5.34
CA TYR E 95 13.84 40.14 4.20
C TYR E 95 13.06 38.89 4.61
N CYS E 96 12.24 38.40 3.67
CA CYS E 96 11.40 37.22 3.85
C CYS E 96 11.89 36.11 2.92
N VAL E 97 12.19 34.94 3.50
CA VAL E 97 12.93 33.90 2.79
C VAL E 97 12.18 32.58 2.89
N ARG E 98 12.17 31.82 1.78
CA ARG E 98 11.57 30.49 1.73
C ARG E 98 12.64 29.41 1.81
N SER E 99 12.25 28.24 2.28
CA SER E 99 13.17 27.10 2.34
C SER E 99 12.37 25.82 2.43
N ILE E 100 12.76 24.82 1.64
CA ILE E 100 12.10 23.52 1.62
C ILE E 100 13.12 22.44 1.94
N TYR E 101 12.70 21.43 2.71
CA TYR E 101 13.62 20.42 3.22
C TYR E 101 13.10 19.03 2.85
N TYR E 102 13.89 18.32 2.05
CA TYR E 102 13.75 16.89 1.79
C TYR E 102 15.02 16.45 1.07
N TYR E 103 15.08 15.18 0.69
CA TYR E 103 16.30 14.66 0.08
C TYR E 103 16.53 15.31 -1.28
N GLY E 104 17.65 16.02 -1.41
CA GLY E 104 18.02 16.65 -2.66
C GLY E 104 17.51 18.06 -2.86
N SER E 105 16.76 18.60 -1.91
CA SER E 105 16.22 19.94 -2.05
C SER E 105 17.31 20.99 -1.89
N SER E 106 16.97 22.22 -2.27
CA SER E 106 17.90 23.35 -2.20
C SER E 106 17.31 24.43 -1.30
N PRO E 107 17.68 24.48 -0.02
CA PRO E 107 17.16 25.53 0.87
C PRO E 107 17.71 26.90 0.51
N PHE E 108 16.97 27.92 0.94
CA PHE E 108 17.32 29.32 0.69
C PHE E 108 17.44 29.60 -0.80
N ASP E 109 16.39 29.28 -1.56
CA ASP E 109 16.42 29.46 -2.99
C ASP E 109 15.92 30.84 -3.41
N PHE E 110 14.94 31.37 -2.69
CA PHE E 110 14.32 32.64 -3.06
C PHE E 110 14.45 33.64 -1.93
N TRP E 111 14.57 34.91 -2.31
CA TRP E 111 14.65 36.03 -1.39
C TRP E 111 13.71 37.13 -1.85
N GLY E 112 13.37 38.04 -0.93
CA GLY E 112 12.46 39.12 -1.21
C GLY E 112 13.17 40.45 -1.32
N GLN E 113 12.39 41.53 -1.34
CA GLN E 113 12.94 42.87 -1.43
C GLN E 113 13.24 43.46 -0.05
N GLY E 114 12.31 43.32 0.90
CA GLY E 114 12.53 43.80 2.24
C GLY E 114 11.92 45.17 2.49
N THR E 115 11.68 45.46 3.77
CA THR E 115 11.10 46.75 4.17
C THR E 115 11.88 47.33 5.34
N THR E 116 11.89 48.66 5.44
CA THR E 116 12.70 49.36 6.42
C THR E 116 11.93 49.60 7.72
N LEU E 117 12.63 49.47 8.84
CA LEU E 117 12.12 49.81 10.17
C LEU E 117 13.20 50.67 10.83
N THR E 118 12.92 51.95 11.00
CA THR E 118 13.84 52.88 11.66
C THR E 118 13.13 53.46 12.89
N VAL E 119 13.85 53.47 14.01
CA VAL E 119 13.30 53.91 15.30
C VAL E 119 14.16 55.04 15.83
N SER E 120 13.50 56.05 16.39
CA SER E 120 14.21 57.16 16.99
C SER E 120 14.72 56.79 18.39
N SER E 121 15.68 57.57 18.88
CA SER E 121 16.26 57.32 20.19
C SER E 121 15.27 57.69 21.30
N SER E 136 28.66 27.80 22.78
CA SER E 136 27.46 28.55 22.43
C SER E 136 27.23 28.54 20.93
N ASP E 137 26.89 29.71 20.38
CA ASP E 137 26.66 29.82 18.95
C ASP E 137 27.96 29.69 18.18
N ILE E 138 27.89 29.00 17.04
CA ILE E 138 29.06 28.84 16.19
C ILE E 138 29.32 30.14 15.44
N VAL E 139 30.57 30.58 15.41
CA VAL E 139 30.93 31.90 14.91
C VAL E 139 31.63 31.75 13.56
N MET E 140 31.20 32.55 12.59
CA MET E 140 31.83 32.63 11.27
C MET E 140 32.59 33.93 11.16
N THR E 141 33.83 33.85 10.70
CA THR E 141 34.68 35.03 10.51
C THR E 141 35.22 35.04 9.09
N GLN E 142 35.05 36.16 8.40
CA GLN E 142 35.70 36.42 7.12
C GLN E 142 36.45 37.74 7.25
N ALA E 143 37.79 37.67 7.32
CA ALA E 143 38.63 38.84 7.55
C ALA E 143 39.26 39.38 6.28
N THR E 144 38.62 39.19 5.12
CA THR E 144 39.18 39.68 3.87
C THR E 144 38.78 41.12 3.58
N SER E 145 37.69 41.60 4.16
CA SER E 145 37.20 42.96 3.97
C SER E 145 36.96 43.29 2.50
N SER E 146 37.93 43.95 1.85
CA SER E 146 37.77 44.39 0.47
C SER E 146 39.03 44.09 -0.32
N VAL E 147 38.85 43.67 -1.57
CA VAL E 147 39.99 43.35 -2.45
C VAL E 147 39.69 43.87 -3.85
N PRO E 148 40.59 44.63 -4.46
CA PRO E 148 40.37 45.11 -5.83
C PRO E 148 40.86 44.09 -6.85
N VAL E 149 39.98 43.76 -7.80
CA VAL E 149 40.28 42.80 -8.85
C VAL E 149 39.89 43.42 -10.19
N THR E 150 40.47 42.89 -11.27
CA THR E 150 40.15 43.30 -12.62
C THR E 150 39.50 42.15 -13.38
N PRO E 151 38.63 42.45 -14.36
CA PRO E 151 37.97 41.38 -15.10
C PRO E 151 38.96 40.46 -15.78
N GLY E 152 38.62 39.17 -15.82
CA GLY E 152 39.47 38.17 -16.45
C GLY E 152 40.51 37.54 -15.55
N GLU E 153 40.51 37.87 -14.26
CA GLU E 153 41.47 37.33 -13.31
C GLU E 153 40.73 36.47 -12.28
N SER E 154 41.16 35.22 -12.15
CA SER E 154 40.47 34.30 -11.24
C SER E 154 40.61 34.77 -9.79
N VAL E 155 39.56 34.55 -9.01
CA VAL E 155 39.48 35.03 -7.63
C VAL E 155 39.07 33.89 -6.72
N SER E 156 39.62 33.87 -5.51
CA SER E 156 39.25 32.92 -4.47
C SER E 156 38.85 33.66 -3.21
N ILE E 157 37.87 33.11 -2.50
CA ILE E 157 37.30 33.70 -1.29
C ILE E 157 37.30 32.65 -0.19
N SER E 158 37.70 33.05 1.01
CA SER E 158 37.87 32.14 2.13
C SER E 158 36.87 32.45 3.23
N CYS E 159 36.37 31.39 3.87
CA CYS E 159 35.51 31.49 5.04
C CYS E 159 36.02 30.51 6.10
N ARG E 160 35.94 30.92 7.37
CA ARG E 160 36.53 30.16 8.46
C ARG E 160 35.51 29.93 9.57
N SER E 161 35.53 28.73 10.13
CA SER E 161 34.62 28.30 11.19
C SER E 161 35.40 28.01 12.46
N SER E 162 34.69 27.55 13.49
CA SER E 162 35.32 27.17 14.75
C SER E 162 35.22 25.67 14.99
N LYS E 163 34.01 25.13 14.95
CA LYS E 163 33.79 23.70 15.10
C LYS E 163 33.66 23.04 13.72
N SER E 164 33.92 21.74 13.69
CA SER E 164 33.81 21.00 12.44
C SER E 164 32.38 21.04 11.92
N LEU E 165 32.24 21.31 10.63
CA LEU E 165 30.94 21.49 10.00
C LEU E 165 30.55 20.29 9.15
N LEU E 166 30.93 19.10 9.58
CA LEU E 166 30.63 17.86 8.86
C LEU E 166 29.95 16.89 9.83
N HIS E 167 28.81 16.35 9.42
CA HIS E 167 28.00 15.47 10.24
C HIS E 167 28.12 14.06 9.68
N SER E 168 27.83 13.06 10.53
CA SER E 168 27.99 11.67 10.15
C SER E 168 27.18 11.28 8.93
N ASN E 169 26.12 12.04 8.60
CA ASN E 169 25.33 11.77 7.41
C ASN E 169 26.07 12.14 6.13
N GLY E 170 27.34 12.53 6.20
CA GLY E 170 28.10 12.84 5.01
C GLY E 170 27.80 14.17 4.39
N ASN E 171 27.17 15.08 5.12
CA ASN E 171 26.79 16.39 4.62
C ASN E 171 27.55 17.47 5.36
N THR E 172 27.98 18.49 4.64
CA THR E 172 28.60 19.68 5.22
C THR E 172 27.70 20.87 4.92
N TYR E 173 27.30 21.59 5.97
CA TYR E 173 26.29 22.63 5.84
C TYR E 173 26.97 23.99 5.74
N LEU E 174 27.30 24.37 4.51
CA LEU E 174 27.80 25.71 4.20
C LEU E 174 27.04 26.23 2.99
N TYR E 175 26.61 27.49 3.05
CA TYR E 175 25.87 28.11 1.97
C TYR E 175 26.57 29.39 1.54
N TRP E 176 26.48 29.71 0.25
CA TRP E 176 27.10 30.91 -0.30
C TRP E 176 26.03 31.85 -0.86
N PHE E 177 26.24 33.14 -0.64
CA PHE E 177 25.32 34.17 -1.12
C PHE E 177 26.10 35.33 -1.73
N LEU E 178 25.46 36.03 -2.67
CA LEU E 178 26.07 37.19 -3.32
C LEU E 178 25.04 38.31 -3.38
N GLN E 179 25.45 39.51 -2.95
CA GLN E 179 24.57 40.67 -2.88
C GLN E 179 25.17 41.79 -3.73
N ARG E 180 24.42 42.19 -4.76
CA ARG E 180 24.73 43.27 -5.68
C ARG E 180 24.20 44.59 -5.09
N PRO E 181 24.78 45.73 -5.44
CA PRO E 181 24.26 47.00 -4.91
C PRO E 181 22.93 47.34 -5.56
N GLY E 182 21.90 47.47 -4.73
CA GLY E 182 20.56 47.74 -5.20
C GLY E 182 19.70 46.53 -5.44
N GLN E 183 20.12 45.35 -4.99
CA GLN E 183 19.37 44.12 -5.20
C GLN E 183 19.38 43.31 -3.92
N SER E 184 18.70 42.14 -3.96
CA SER E 184 18.52 41.12 -2.93
C SER E 184 19.55 40.01 -3.09
N PRO E 185 19.83 39.27 -2.01
CA PRO E 185 20.81 38.18 -2.10
C PRO E 185 20.32 37.06 -3.00
N GLN E 186 21.27 36.33 -3.57
CA GLN E 186 20.98 35.22 -4.48
C GLN E 186 21.88 34.06 -4.11
N LEU E 187 21.35 32.84 -4.22
CA LEU E 187 22.05 31.64 -3.79
C LEU E 187 22.90 31.08 -4.92
N LEU E 188 24.16 30.76 -4.59
CA LEU E 188 25.10 30.23 -5.57
C LEU E 188 25.48 28.78 -5.28
N ILE E 189 25.84 28.46 -4.04
CA ILE E 189 26.32 27.15 -3.67
C ILE E 189 25.61 26.70 -2.40
N TYR E 190 25.04 25.50 -2.42
CA TYR E 190 24.45 24.88 -1.25
C TYR E 190 25.16 23.56 -0.97
N ARG E 191 25.26 23.22 0.30
CA ARG E 191 25.99 22.04 0.77
C ARG E 191 27.44 22.01 0.29
N MET E 192 28.01 23.20 0.09
CA MET E 192 29.43 23.47 -0.18
C MET E 192 29.84 23.08 -1.61
N SER E 193 29.00 22.34 -2.33
CA SER E 193 29.49 21.73 -3.56
C SER E 193 28.51 21.72 -4.73
N ASN E 194 27.32 22.29 -4.60
CA ASN E 194 26.32 22.14 -5.64
C ASN E 194 25.78 23.49 -6.09
N LEU E 195 25.55 23.62 -7.39
CA LEU E 195 25.03 24.84 -8.00
C LEU E 195 23.51 24.86 -7.96
N ALA E 196 22.95 26.06 -7.94
CA ALA E 196 21.50 26.24 -8.00
C ALA E 196 21.07 26.42 -9.45
N SER E 197 19.82 26.83 -9.66
CA SER E 197 19.29 27.05 -11.00
C SER E 197 19.43 28.52 -11.36
N GLY E 198 19.94 28.79 -12.56
CA GLY E 198 20.19 30.13 -13.04
C GLY E 198 21.62 30.59 -12.89
N VAL E 199 22.44 29.88 -12.12
CA VAL E 199 23.82 30.26 -11.90
C VAL E 199 24.67 29.76 -13.07
N PRO E 200 25.68 30.52 -13.49
CA PRO E 200 26.58 30.03 -14.53
C PRO E 200 27.56 28.98 -14.00
N ASP E 201 28.34 28.42 -14.94
CA ASP E 201 29.25 27.33 -14.59
C ASP E 201 30.50 27.84 -13.89
N ARG E 202 30.89 29.10 -14.13
CA ARG E 202 32.19 29.59 -13.69
C ARG E 202 32.33 29.61 -12.16
N PHE E 203 31.23 29.58 -11.42
CA PHE E 203 31.30 29.53 -9.98
C PHE E 203 31.58 28.10 -9.50
N SER E 204 32.50 27.98 -8.53
CA SER E 204 32.80 26.68 -7.95
C SER E 204 33.11 26.86 -6.47
N GLY E 205 33.04 25.76 -5.72
CA GLY E 205 33.31 25.80 -4.30
C GLY E 205 33.87 24.49 -3.80
N SER E 206 34.69 24.57 -2.76
CA SER E 206 35.32 23.38 -2.19
C SER E 206 35.81 23.73 -0.79
N GLY E 207 36.57 22.80 -0.20
CA GLY E 207 37.08 22.97 1.14
C GLY E 207 36.80 21.76 2.01
N SER E 208 37.53 21.65 3.12
CA SER E 208 37.33 20.57 4.07
C SER E 208 37.53 21.09 5.48
N GLY E 209 36.83 20.48 6.42
CA GLY E 209 36.97 20.86 7.82
C GLY E 209 36.47 22.26 8.12
N THR E 210 37.40 23.18 8.34
CA THR E 210 37.07 24.56 8.71
C THR E 210 37.28 25.56 7.57
N ALA E 211 38.40 25.49 6.86
CA ALA E 211 38.69 26.43 5.79
C ALA E 211 37.83 26.11 4.58
N PHE E 212 37.08 27.11 4.10
CA PHE E 212 36.10 26.93 3.03
C PHE E 212 36.44 27.89 1.90
N THR E 213 36.50 27.39 0.67
CA THR E 213 36.96 28.16 -0.48
C THR E 213 35.89 28.25 -1.55
N LEU E 214 35.76 29.45 -2.14
CA LEU E 214 34.90 29.68 -3.30
C LEU E 214 35.77 30.26 -4.41
N THR E 215 35.57 29.79 -5.64
CA THR E 215 36.40 30.19 -6.77
C THR E 215 35.53 30.73 -7.89
N ILE E 216 35.97 31.83 -8.50
CA ILE E 216 35.35 32.41 -9.69
C ILE E 216 36.44 32.57 -10.74
N SER E 217 36.24 31.96 -11.90
CA SER E 217 37.28 32.00 -12.94
C SER E 217 37.16 33.24 -13.82
N ARG E 218 36.03 33.39 -14.51
CA ARG E 218 35.77 34.55 -15.34
C ARG E 218 34.93 35.55 -14.57
N LEU E 219 35.28 36.82 -14.71
CA LEU E 219 34.59 37.91 -14.03
C LEU E 219 33.86 38.77 -15.05
N GLU E 220 32.58 39.01 -14.81
CA GLU E 220 31.74 39.86 -15.63
C GLU E 220 31.53 41.18 -14.91
N ALA E 221 30.85 42.11 -15.60
CA ALA E 221 30.51 43.38 -14.97
C ALA E 221 29.45 43.20 -13.89
N GLU E 222 28.61 42.17 -14.02
CA GLU E 222 27.53 41.96 -13.07
C GLU E 222 28.02 41.36 -11.75
N ASP E 223 29.25 40.81 -11.73
CA ASP E 223 29.79 40.21 -10.51
C ASP E 223 30.37 41.26 -9.58
N VAL E 224 29.52 42.15 -9.04
CA VAL E 224 29.95 43.22 -8.16
C VAL E 224 29.15 43.15 -6.87
N GLY E 225 29.84 43.29 -5.72
CA GLY E 225 29.16 43.33 -4.45
C GLY E 225 29.83 42.58 -3.32
N VAL E 226 29.01 41.99 -2.45
CA VAL E 226 29.48 41.37 -1.20
C VAL E 226 29.08 39.90 -1.20
N TYR E 227 30.03 39.05 -0.84
CA TYR E 227 29.84 37.61 -0.77
C TYR E 227 29.75 37.17 0.69
N TYR E 228 28.90 36.19 0.95
CA TYR E 228 28.60 35.76 2.31
C TYR E 228 28.63 34.24 2.41
N CYS E 229 29.14 33.75 3.54
CA CYS E 229 29.12 32.34 3.87
C CYS E 229 28.23 32.12 5.10
N MET E 230 27.46 31.05 5.08
CA MET E 230 26.46 30.79 6.12
C MET E 230 26.50 29.34 6.57
N GLN E 231 26.14 29.11 7.82
CA GLN E 231 26.07 27.77 8.41
C GLN E 231 24.63 27.42 8.75
N HIS E 232 24.30 26.14 8.62
CA HIS E 232 22.95 25.64 8.89
C HIS E 232 22.99 24.30 9.61
N LEU E 233 23.91 24.15 10.57
CA LEU E 233 23.97 22.93 11.35
C LEU E 233 23.21 23.06 12.66
N GLU E 234 23.61 23.99 13.52
CA GLU E 234 22.92 24.27 14.77
C GLU E 234 22.04 25.50 14.57
N TYR E 235 20.85 25.45 15.14
CA TYR E 235 19.79 26.37 14.71
C TYR E 235 20.09 27.84 14.93
N PRO E 236 20.93 28.27 15.88
CA PRO E 236 21.42 29.64 15.80
C PRO E 236 22.22 29.85 14.53
N LEU E 237 21.65 30.58 13.58
CA LEU E 237 22.23 30.74 12.25
C LEU E 237 22.98 32.05 12.17
N THR E 238 24.31 31.96 12.08
CA THR E 238 25.17 33.12 12.12
C THR E 238 25.81 33.35 10.75
N PHE E 239 25.91 34.61 10.37
CA PHE E 239 26.51 35.01 9.09
C PHE E 239 27.93 35.50 9.33
N GLY E 240 28.74 35.46 8.27
CA GLY E 240 30.09 35.97 8.35
C GLY E 240 30.15 37.47 8.17
N ALA E 241 31.37 37.99 8.22
CA ALA E 241 31.57 39.43 8.04
C ALA E 241 31.34 39.83 6.58
N GLY E 242 31.70 38.96 5.64
CA GLY E 242 31.46 39.22 4.24
C GLY E 242 32.71 39.67 3.50
N THR E 243 32.70 39.43 2.19
CA THR E 243 33.80 39.78 1.29
C THR E 243 33.31 40.85 0.31
N LYS E 244 34.04 41.95 0.23
CA LYS E 244 33.66 43.02 -0.69
C LYS E 244 34.58 42.99 -1.91
N LEU E 245 33.99 42.97 -3.10
CA LEU E 245 34.75 42.94 -4.34
C LEU E 245 34.37 44.15 -5.19
N GLU E 246 35.40 44.83 -5.71
CA GLU E 246 35.19 45.97 -6.60
C GLU E 246 36.37 46.07 -7.55
N LEU E 247 36.13 46.75 -8.68
CA LEU E 247 37.14 46.87 -9.72
C LEU E 247 38.25 47.83 -9.31
C1 SA0 F . -15.00 -15.76 45.77
O1 SA0 F . -15.18 -14.97 46.93
C2 SA0 F . -13.56 -16.27 45.81
O2 SA0 F . -12.65 -15.18 45.76
C3 SA0 F . -13.33 -17.24 44.68
O3 SA0 F . -12.03 -17.81 44.76
C4 SA0 F . -14.39 -18.34 44.72
O4 SA0 F . -14.23 -19.21 43.59
C5 SA0 F . -15.78 -17.73 44.69
O5 SA0 F . -15.91 -16.84 45.82
C6 SA0 F . -16.88 -18.75 44.80
O6 SA0 F . -16.83 -19.68 43.73
OAA SA0 F . -15.79 -14.75 49.34
CAF SA0 F . -15.80 -10.90 46.48
CAG SA0 F . -15.71 -11.70 45.38
CAH SA0 F . -15.68 -11.45 47.74
CAI SA0 F . -15.50 -13.06 45.51
CAJ SA0 F . -15.33 -13.41 49.29
CAN SA0 F . -15.47 -12.82 47.92
CAO SA0 F . -15.38 -13.61 46.77
#